data_3HF0
# 
_entry.id   3HF0 
# 
_audit_conform.dict_name       mmcif_pdbx.dic 
_audit_conform.dict_version    5.381 
_audit_conform.dict_location   http://mmcif.pdb.org/dictionaries/ascii/mmcif_pdbx.dic 
# 
loop_
_database_2.database_id 
_database_2.database_code 
_database_2.pdbx_database_accession 
_database_2.pdbx_DOI 
PDB   3HF0         pdb_00003hf0 10.2210/pdb3hf0/pdb 
RCSB  RCSB053053   ?            ?                   
WWPDB D_1000053053 ?            ?                   
# 
_pdbx_database_status.status_code                     REL 
_pdbx_database_status.entry_id                        3HF0 
_pdbx_database_status.recvd_initial_deposition_date   2009-05-10 
_pdbx_database_status.deposit_site                    RCSB 
_pdbx_database_status.process_site                    RCSB 
_pdbx_database_status.status_code_sf                  REL 
_pdbx_database_status.status_code_mr                  ? 
_pdbx_database_status.SG_entry                        ? 
_pdbx_database_status.pdb_format_compatible           Y 
_pdbx_database_status.status_code_cs                  ? 
_pdbx_database_status.status_code_nmr_data            ? 
_pdbx_database_status.methods_development_category    ? 
# 
loop_
_audit_author.name 
_audit_author.pdbx_ordinal 
'Horne, W.S.'   1 
'Price, J.L.'   2 
'Gellman, S.H.' 3 
# 
_citation.id                        primary 
_citation.title                     
;alpha/beta-Peptide helix crystallized from detergent solution: GCN4-pLI side chain sequence on an (alpha-alpha-beta-alpha-beta-alpha-beta) backbone with cyclic beta-residues
;
_citation.journal_abbrev            'To be Published' 
_citation.journal_volume            ? 
_citation.page_first                ? 
_citation.page_last                 ? 
_citation.year                      ? 
_citation.journal_id_ASTM           ? 
_citation.country                   ? 
_citation.journal_id_ISSN           ? 
_citation.journal_id_CSD            0353 
_citation.book_publisher            ? 
_citation.pdbx_database_id_PubMed   ? 
_citation.pdbx_database_id_DOI      ? 
# 
loop_
_citation_author.citation_id 
_citation_author.name 
_citation_author.ordinal 
_citation_author.identifier_ORCID 
primary 'Horne, W.S.'   1 ? 
primary 'Price, J.L.'   2 ? 
primary 'Gellman, S.H.' 3 ? 
# 
_cell.entry_id           3HF0 
_cell.length_a           47.990 
_cell.length_b           47.990 
_cell.length_c           100.533 
_cell.angle_alpha        90.00 
_cell.angle_beta         90.00 
_cell.angle_gamma        90.00 
_cell.Z_PDB              16 
_cell.pdbx_unique_axis   ? 
_cell.length_a_esd       ? 
_cell.length_b_esd       ? 
_cell.length_c_esd       ? 
_cell.angle_alpha_esd    ? 
_cell.angle_beta_esd     ? 
_cell.angle_gamma_esd    ? 
# 
_symmetry.entry_id                         3HF0 
_symmetry.space_group_name_H-M             'I 41 2 2' 
_symmetry.pdbx_full_space_group_name_H-M   ? 
_symmetry.cell_setting                     ? 
_symmetry.Int_Tables_number                98 
_symmetry.space_group_name_Hall            ? 
# 
loop_
_entity.id 
_entity.type 
_entity.src_method 
_entity.pdbx_description 
_entity.formula_weight 
_entity.pdbx_number_of_molecules 
_entity.pdbx_ec 
_entity.pdbx_mutation 
_entity.pdbx_fragment 
_entity.details 
1 polymer     syn 'GCN4-pLI side chain sequence on an (alpha-alpha-beta-alpha-beta-alpha-beta) backbone with cyclic beta-residues' 
4157.146 1  ? ? ? ? 
2 non-polymer syn CETYL-TRIMETHYL-AMMONIUM                                                                                         
284.543  1  ? ? ? ? 
3 water       nat water                                                                                                            
18.015   22 ? ? ? ? 
# 
_entity_poly.entity_id                      1 
_entity_poly.type                           'polypeptide(L)' 
_entity_poly.nstd_linkage                   no 
_entity_poly.nstd_monomer                   yes 
_entity_poly.pdbx_seq_one_letter_code       
;(ACE)RM(XPC)Q(BIL)E(XCP)KL(XCP)E(BIL)L(XCP)KL(B3Y)H(BIL)E(XCP)EL(XCP)R(BIL)K
(XPC)LL(XCP)E(XPC)
;
_entity_poly.pdbx_seq_one_letter_code_can   XRMXQXEXKLXEXLXKLYHXEXELXRXKXLLXEX 
_entity_poly.pdbx_strand_id                 A 
_entity_poly.pdbx_target_identifier         ? 
# 
loop_
_entity_poly_seq.entity_id 
_entity_poly_seq.num 
_entity_poly_seq.mon_id 
_entity_poly_seq.hetero 
1 1  ACE n 
1 2  ARG n 
1 3  MET n 
1 4  XPC n 
1 5  GLN n 
1 6  BIL n 
1 7  GLU n 
1 8  XCP n 
1 9  LYS n 
1 10 LEU n 
1 11 XCP n 
1 12 GLU n 
1 13 BIL n 
1 14 LEU n 
1 15 XCP n 
1 16 LYS n 
1 17 LEU n 
1 18 B3Y n 
1 19 HIS n 
1 20 BIL n 
1 21 GLU n 
1 22 XCP n 
1 23 GLU n 
1 24 LEU n 
1 25 XCP n 
1 26 ARG n 
1 27 BIL n 
1 28 LYS n 
1 29 XPC n 
1 30 LEU n 
1 31 LEU n 
1 32 XCP n 
1 33 GLU n 
1 34 XPC n 
# 
_pdbx_entity_src_syn.entity_id              1 
_pdbx_entity_src_syn.pdbx_src_id            1 
_pdbx_entity_src_syn.pdbx_alt_source_flag   sample 
_pdbx_entity_src_syn.pdbx_beg_seq_num       ? 
_pdbx_entity_src_syn.pdbx_end_seq_num       ? 
_pdbx_entity_src_syn.organism_scientific    ? 
_pdbx_entity_src_syn.organism_common_name   ? 
_pdbx_entity_src_syn.ncbi_taxonomy_id       ? 
_pdbx_entity_src_syn.details                'synthetic peptide' 
# 
_struct_ref.id                         1 
_struct_ref.db_name                    PDB 
_struct_ref.db_code                    3HF0 
_struct_ref.pdbx_db_accession          3HF0 
_struct_ref.entity_id                  1 
_struct_ref.pdbx_align_begin           ? 
_struct_ref.pdbx_seq_one_letter_code   
;(ACE)RM(XPC)Q(BIL)E(XCP)KL(XCP)E(BIL)L(XCP)KL(B3Y)H(BIL)E(XCP)EL(XCP)R(BIL)K(XPC)
LL(XCP)E(XPC)
;
_struct_ref.pdbx_db_isoform            ? 
# 
_struct_ref_seq.align_id                      1 
_struct_ref_seq.ref_id                        1 
_struct_ref_seq.pdbx_PDB_id_code              3HF0 
_struct_ref_seq.pdbx_strand_id                A 
_struct_ref_seq.seq_align_beg                 1 
_struct_ref_seq.pdbx_seq_align_beg_ins_code   ? 
_struct_ref_seq.seq_align_end                 34 
_struct_ref_seq.pdbx_seq_align_end_ins_code   ? 
_struct_ref_seq.pdbx_db_accession             3HF0 
_struct_ref_seq.db_align_beg                  0 
_struct_ref_seq.pdbx_db_align_beg_ins_code    ? 
_struct_ref_seq.db_align_end                  33 
_struct_ref_seq.pdbx_db_align_end_ins_code    ? 
_struct_ref_seq.pdbx_auth_seq_align_beg       0 
_struct_ref_seq.pdbx_auth_seq_align_end       33 
# 
loop_
_chem_comp.id 
_chem_comp.type 
_chem_comp.mon_nstd_flag 
_chem_comp.name 
_chem_comp.pdbx_synonyms 
_chem_comp.formula 
_chem_comp.formula_weight 
16A non-polymer         . CETYL-TRIMETHYL-AMMONIUM                        ?                                              
'C19 H42 N 1'    284.543 
ACE non-polymer         . 'ACETYL GROUP'                                  ?                                              'C2 H4 O' 
44.053  
ARG 'L-peptide linking' y ARGININE                                        ?                                              
'C6 H15 N4 O2 1' 175.209 
B3Y 'L-peptide linking' n '(3S)-3-AMINO-4-(4-HYDROXYPHENYL)BUTANOIC ACID' ?                                              
'C10 H13 N O3'   195.215 
BIL 'L-peptide linking' . '(3R,4S)-3-amino-4-methylhexanoic acid'         '(R,S)-beta-3-homoisoleucine'                  
'C7 H15 N O2'    145.200 
GLN 'L-peptide linking' y GLUTAMINE                                       ?                                              
'C5 H10 N2 O3'   146.144 
GLU 'L-peptide linking' y 'GLUTAMIC ACID'                                 ?                                              
'C5 H9 N O4'     147.129 
HIS 'L-peptide linking' y HISTIDINE                                       ?                                              
'C6 H10 N3 O2 1' 156.162 
HOH non-polymer         . WATER                                           ?                                              'H2 O' 
18.015  
LEU 'L-peptide linking' y LEUCINE                                         ?                                              
'C6 H13 N O2'    131.173 
LYS 'L-peptide linking' y LYSINE                                          ?                                              
'C6 H15 N2 O2 1' 147.195 
MET 'L-peptide linking' y METHIONINE                                      ?                                              
'C5 H11 N O2 S'  149.211 
XCP peptide-like        . '(1S,2S)-2-aminocyclopentanecarboxylic acid'    ?                                              
'C6 H11 N O2'    129.157 
XPC peptide-like        . '(3S,4R)-4-aminopyrrolidine-3-carboxylic acid'  '(3R,4S)-3-Aminopyrrolidine-4-carboxylic acid' 
'C5 H10 N2 O2'   130.145 
# 
_exptl.entry_id          3HF0 
_exptl.method            'X-RAY DIFFRACTION' 
_exptl.crystals_number   1 
# 
_exptl_crystal.id                    1 
_exptl_crystal.density_meas          ? 
_exptl_crystal.density_Matthews      3.48 
_exptl_crystal.density_percent_sol   64.66 
_exptl_crystal.description           ? 
_exptl_crystal.F_000                 ? 
_exptl_crystal.preparation           ? 
# 
_exptl_crystal_grow.crystal_id      1 
_exptl_crystal_grow.method          'VAPOR DIFFUSION, HANGING DROP' 
_exptl_crystal_grow.temp            298 
_exptl_crystal_grow.temp_details    ? 
_exptl_crystal_grow.pH              7 
_exptl_crystal_grow.pdbx_details    
'0.5 M sodium chloride, 5 mM cetyl-trimetylammonium bromide, pH 7, VAPOR DIFFUSION, HANGING DROP, temperature 298K' 
_exptl_crystal_grow.pdbx_pH_range   ? 
# 
_diffrn.id                     1 
_diffrn.ambient_temp           100 
_diffrn.ambient_temp_details   ? 
_diffrn.crystal_id             1 
# 
_diffrn_detector.diffrn_id              1 
_diffrn_detector.detector               CCD 
_diffrn_detector.type                   'BRUKER SMART 6000' 
_diffrn_detector.pdbx_collection_date   2008-08-02 
_diffrn_detector.details                'confocal mirrors' 
# 
_diffrn_radiation.diffrn_id                        1 
_diffrn_radiation.wavelength_id                    1 
_diffrn_radiation.pdbx_monochromatic_or_laue_m_l   M 
_diffrn_radiation.monochromator                    'gobel mirrors' 
_diffrn_radiation.pdbx_diffrn_protocol             'SINGLE WAVELENGTH' 
_diffrn_radiation.pdbx_scattering_type             x-ray 
# 
_diffrn_radiation_wavelength.id           1 
_diffrn_radiation_wavelength.wavelength   1.5418 
_diffrn_radiation_wavelength.wt           1.0 
# 
_diffrn_source.diffrn_id                   1 
_diffrn_source.source                      'ROTATING ANODE' 
_diffrn_source.type                        'BRUKER AXS MICROSTAR' 
_diffrn_source.pdbx_synchrotron_site       ? 
_diffrn_source.pdbx_synchrotron_beamline   ? 
_diffrn_source.pdbx_wavelength             ? 
_diffrn_source.pdbx_wavelength_list        1.5418 
# 
_reflns.entry_id                     3HF0 
_reflns.observed_criterion_sigma_I   ? 
_reflns.observed_criterion_sigma_F   ? 
_reflns.d_resolution_low             24.00 
_reflns.d_resolution_high            2.1 
_reflns.number_obs                   3697 
_reflns.number_all                   ? 
_reflns.percent_possible_obs         100 
_reflns.pdbx_Rmerge_I_obs            ? 
_reflns.pdbx_Rsym_value              0.053 
_reflns.pdbx_netI_over_sigmaI        22.6 
_reflns.B_iso_Wilson_estimate        ? 
_reflns.pdbx_redundancy              10.9 
_reflns.R_free_details               ? 
_reflns.limit_h_max                  ? 
_reflns.limit_h_min                  ? 
_reflns.limit_k_max                  ? 
_reflns.limit_k_min                  ? 
_reflns.limit_l_max                  ? 
_reflns.limit_l_min                  ? 
_reflns.observed_criterion_F_max     ? 
_reflns.observed_criterion_F_min     ? 
_reflns.pdbx_chi_squared             ? 
_reflns.pdbx_scaling_rejects         ? 
_reflns.pdbx_diffrn_id               1 
_reflns.pdbx_ordinal                 1 
# 
_reflns_shell.d_res_high             2.1 
_reflns_shell.d_res_low              2.2 
_reflns_shell.percent_possible_all   100 
_reflns_shell.Rmerge_I_obs           ? 
_reflns_shell.pdbx_Rsym_value        0.314 
_reflns_shell.meanI_over_sigI_obs    4.1 
_reflns_shell.pdbx_redundancy        5.5 
_reflns_shell.percent_possible_obs   ? 
_reflns_shell.number_unique_all      ? 
_reflns_shell.number_measured_all    ? 
_reflns_shell.number_measured_obs    ? 
_reflns_shell.number_unique_obs      ? 
_reflns_shell.pdbx_chi_squared       ? 
_reflns_shell.pdbx_diffrn_id         ? 
_reflns_shell.pdbx_ordinal           1 
# 
_refine.entry_id                                 3HF0 
_refine.ls_number_reflns_obs                     3519 
_refine.ls_number_reflns_all                     ? 
_refine.pdbx_ls_sigma_I                          ? 
_refine.pdbx_ls_sigma_F                          ? 
_refine.pdbx_data_cutoff_high_absF               ? 
_refine.pdbx_data_cutoff_low_absF                ? 
_refine.pdbx_data_cutoff_high_rms_absF           ? 
_refine.ls_d_res_low                             24.00 
_refine.ls_d_res_high                            2.10 
_refine.ls_percent_reflns_obs                    100.00 
_refine.ls_R_factor_obs                          0.21988 
_refine.ls_R_factor_all                          ? 
_refine.ls_R_factor_R_work                       0.21926 
_refine.ls_R_factor_R_free                       0.23272 
_refine.ls_R_factor_R_free_error                 ? 
_refine.ls_R_factor_R_free_error_details         ? 
_refine.ls_percent_reflns_R_free                 4.3 
_refine.ls_number_reflns_R_free                  160 
_refine.ls_number_parameters                     ? 
_refine.ls_number_restraints                     ? 
_refine.occupancy_min                            ? 
_refine.occupancy_max                            ? 
_refine.correlation_coeff_Fo_to_Fc               0.952 
_refine.correlation_coeff_Fo_to_Fc_free          0.916 
_refine.B_iso_mean                               30.841 
_refine.aniso_B[1][1]                            0.26 
_refine.aniso_B[2][2]                            0.26 
_refine.aniso_B[3][3]                            -0.53 
_refine.aniso_B[1][2]                            0.00 
_refine.aniso_B[1][3]                            0.00 
_refine.aniso_B[2][3]                            0.00 
_refine.solvent_model_details                    MASK 
_refine.solvent_model_param_ksol                 ? 
_refine.solvent_model_param_bsol                 ? 
_refine.pdbx_solvent_vdw_probe_radii             1.20 
_refine.pdbx_solvent_ion_probe_radii             0.80 
_refine.pdbx_solvent_shrinkage_radii             0.80 
_refine.pdbx_ls_cross_valid_method               THROUGHOUT 
_refine.details                                  'HYDROGENS HAVE BEEN ADDED IN THE RIDING POSITIONS' 
_refine.pdbx_starting_model                      'PDB ENTRY 2OXK' 
_refine.pdbx_method_to_determine_struct          'MOLECULAR REPLACEMENT' 
_refine.pdbx_isotropic_thermal_model             ? 
_refine.pdbx_stereochemistry_target_values       'MAXIMUM LIKELIHOOD' 
_refine.pdbx_stereochem_target_val_spec_case     ? 
_refine.pdbx_R_Free_selection_details            RANDOM 
_refine.pdbx_overall_ESU_R                       0.178 
_refine.pdbx_overall_ESU_R_Free                  0.150 
_refine.overall_SU_ML                            0.107 
_refine.overall_SU_B                             4.141 
_refine.ls_redundancy_reflns_obs                 ? 
_refine.B_iso_min                                ? 
_refine.B_iso_max                                ? 
_refine.overall_SU_R_Cruickshank_DPI             ? 
_refine.overall_SU_R_free                        ? 
_refine.ls_wR_factor_R_free                      ? 
_refine.ls_wR_factor_R_work                      ? 
_refine.overall_FOM_free_R_set                   ? 
_refine.overall_FOM_work_R_set                   ? 
_refine.pdbx_overall_phase_error                 ? 
_refine.pdbx_refine_id                           'X-RAY DIFFRACTION' 
_refine.pdbx_diffrn_id                           1 
_refine.pdbx_TLS_residual_ADP_flag               ? 
_refine.pdbx_overall_SU_R_free_Cruickshank_DPI   ? 
_refine.pdbx_overall_SU_R_Blow_DPI               ? 
_refine.pdbx_overall_SU_R_free_Blow_DPI          ? 
# 
_refine_hist.pdbx_refine_id                   'X-RAY DIFFRACTION' 
_refine_hist.cycle_id                         LAST 
_refine_hist.pdbx_number_atoms_protein        583 
_refine_hist.pdbx_number_atoms_nucleic_acid   0 
_refine_hist.pdbx_number_atoms_ligand         62 
_refine_hist.number_atoms_solvent             22 
_refine_hist.number_atoms_total               667 
_refine_hist.d_res_high                       2.10 
_refine_hist.d_res_low                        24.00 
# 
loop_
_refine_ls_restr.type 
_refine_ls_restr.dev_ideal 
_refine_ls_restr.dev_ideal_target 
_refine_ls_restr.weight 
_refine_ls_restr.number 
_refine_ls_restr.pdbx_refine_id 
_refine_ls_restr.pdbx_restraint_function 
r_bond_refined_d             0.014  0.021  ? 310 'X-RAY DIFFRACTION' ? 
r_bond_other_d               0.002  0.020  ? 264 'X-RAY DIFFRACTION' ? 
r_angle_refined_deg          2.202  2.413  ? 418 'X-RAY DIFFRACTION' ? 
r_angle_other_deg            1.248  3.015  ? 614 'X-RAY DIFFRACTION' ? 
r_dihedral_angle_1_deg       8.282  5.000  ? 4   'X-RAY DIFFRACTION' ? 
r_dihedral_angle_2_deg       47.340 27.000 ? 10  'X-RAY DIFFRACTION' ? 
r_dihedral_angle_3_deg       19.933 15.000 ? 41  'X-RAY DIFFRACTION' ? 
r_dihedral_angle_4_deg       1.650  15.000 ? 1   'X-RAY DIFFRACTION' ? 
r_chiral_restr               0.124  0.200  ? 52  'X-RAY DIFFRACTION' ? 
r_gen_planes_refined         0.003  0.008  ? 243 'X-RAY DIFFRACTION' ? 
r_gen_planes_other           0.001  0.007  ? 47  'X-RAY DIFFRACTION' ? 
r_nbd_refined                ?      ?      ? ?   'X-RAY DIFFRACTION' ? 
r_nbd_other                  ?      ?      ? ?   'X-RAY DIFFRACTION' ? 
r_nbtor_refined              ?      ?      ? ?   'X-RAY DIFFRACTION' ? 
r_nbtor_other                ?      ?      ? ?   'X-RAY DIFFRACTION' ? 
r_xyhbond_nbd_refined        ?      ?      ? ?   'X-RAY DIFFRACTION' ? 
r_xyhbond_nbd_other          ?      ?      ? ?   'X-RAY DIFFRACTION' ? 
r_metal_ion_refined          ?      ?      ? ?   'X-RAY DIFFRACTION' ? 
r_metal_ion_other            ?      ?      ? ?   'X-RAY DIFFRACTION' ? 
r_symmetry_vdw_refined       ?      ?      ? ?   'X-RAY DIFFRACTION' ? 
r_symmetry_vdw_other         ?      ?      ? ?   'X-RAY DIFFRACTION' ? 
r_symmetry_hbond_refined     ?      ?      ? ?   'X-RAY DIFFRACTION' ? 
r_symmetry_hbond_other       ?      ?      ? ?   'X-RAY DIFFRACTION' ? 
r_symmetry_metal_ion_refined ?      ?      ? ?   'X-RAY DIFFRACTION' ? 
r_symmetry_metal_ion_other   ?      ?      ? ?   'X-RAY DIFFRACTION' ? 
r_mcbond_it                  0.964  1.500  ? 173 'X-RAY DIFFRACTION' ? 
r_mcbond_other               0.145  1.500  ? 71  'X-RAY DIFFRACTION' ? 
r_mcangle_it                 1.784  2.000  ? 279 'X-RAY DIFFRACTION' ? 
r_scbond_it                  1.991  3.000  ? 137 'X-RAY DIFFRACTION' ? 
r_scangle_it                 3.482  4.500  ? 137 'X-RAY DIFFRACTION' ? 
r_rigid_bond_restr           ?      ?      ? ?   'X-RAY DIFFRACTION' ? 
r_sphericity_free            ?      ?      ? ?   'X-RAY DIFFRACTION' ? 
r_sphericity_bonded          ?      ?      ? ?   'X-RAY DIFFRACTION' ? 
# 
_refine_ls_shell.pdbx_total_number_of_bins_used   20 
_refine_ls_shell.d_res_high                       2.100 
_refine_ls_shell.d_res_low                        2.154 
_refine_ls_shell.number_reflns_R_work             237 
_refine_ls_shell.R_factor_R_work                  0.251 
_refine_ls_shell.percent_reflns_obs               100.00 
_refine_ls_shell.R_factor_R_free                  0.232 
_refine_ls_shell.R_factor_R_free_error            ? 
_refine_ls_shell.percent_reflns_R_free            ? 
_refine_ls_shell.number_reflns_R_free             12 
_refine_ls_shell.number_reflns_all                ? 
_refine_ls_shell.R_factor_all                     ? 
_refine_ls_shell.number_reflns_obs                ? 
_refine_ls_shell.redundancy_reflns_obs            ? 
_refine_ls_shell.pdbx_refine_id                   'X-RAY DIFFRACTION' 
# 
_struct.entry_id                  3HF0 
_struct.title                     
;alpha/beta-Peptide helix crystallized from detergent solution: GCN4-pLI side chain sequence on an (alpha-alpha-beta-alpha-beta-alpha-beta) backbone with cyclic beta-residues
;
_struct.pdbx_model_details        ? 
_struct.pdbx_CASP_flag            ? 
_struct.pdbx_model_type_details   ? 
# 
_struct_keywords.entry_id        3HF0 
_struct_keywords.pdbx_keywords   'DE NOVO PROTEIN' 
_struct_keywords.text            'helix bundle, foldamer, alpha/beta-peptide, coiled coil, DE NOVO PROTEIN' 
# 
loop_
_struct_asym.id 
_struct_asym.pdbx_blank_PDB_chainid_flag 
_struct_asym.pdbx_modified 
_struct_asym.entity_id 
_struct_asym.details 
A N N 1 ? 
B N N 2 ? 
C N N 3 ? 
# 
_struct_biol.id        1 
_struct_biol.details   ? 
# 
_struct_conf.conf_type_id            HELX_P 
_struct_conf.id                      HELX_P1 
_struct_conf.pdbx_PDB_helix_id       1 
_struct_conf.beg_label_comp_id       GLN 
_struct_conf.beg_label_asym_id       A 
_struct_conf.beg_label_seq_id        5 
_struct_conf.pdbx_beg_PDB_ins_code   ? 
_struct_conf.end_label_comp_id       XPC 
_struct_conf.end_label_asym_id       A 
_struct_conf.end_label_seq_id        34 
_struct_conf.pdbx_end_PDB_ins_code   ? 
_struct_conf.beg_auth_comp_id        GLN 
_struct_conf.beg_auth_asym_id        A 
_struct_conf.beg_auth_seq_id         4 
_struct_conf.end_auth_comp_id        XPC 
_struct_conf.end_auth_asym_id        A 
_struct_conf.end_auth_seq_id         33 
_struct_conf.pdbx_PDB_helix_class    1 
_struct_conf.details                 ? 
_struct_conf.pdbx_PDB_helix_length   30 
# 
_struct_conf_type.id          HELX_P 
_struct_conf_type.criteria    ? 
_struct_conf_type.reference   ? 
# 
loop_
_struct_conn.id 
_struct_conn.conn_type_id 
_struct_conn.pdbx_leaving_atom_flag 
_struct_conn.pdbx_PDB_id 
_struct_conn.ptnr1_label_asym_id 
_struct_conn.ptnr1_label_comp_id 
_struct_conn.ptnr1_label_seq_id 
_struct_conn.ptnr1_label_atom_id 
_struct_conn.pdbx_ptnr1_label_alt_id 
_struct_conn.pdbx_ptnr1_PDB_ins_code 
_struct_conn.pdbx_ptnr1_standard_comp_id 
_struct_conn.ptnr1_symmetry 
_struct_conn.ptnr2_label_asym_id 
_struct_conn.ptnr2_label_comp_id 
_struct_conn.ptnr2_label_seq_id 
_struct_conn.ptnr2_label_atom_id 
_struct_conn.pdbx_ptnr2_label_alt_id 
_struct_conn.pdbx_ptnr2_PDB_ins_code 
_struct_conn.ptnr1_auth_asym_id 
_struct_conn.ptnr1_auth_comp_id 
_struct_conn.ptnr1_auth_seq_id 
_struct_conn.ptnr2_auth_asym_id 
_struct_conn.ptnr2_auth_comp_id 
_struct_conn.ptnr2_auth_seq_id 
_struct_conn.ptnr2_symmetry 
_struct_conn.pdbx_ptnr3_label_atom_id 
_struct_conn.pdbx_ptnr3_label_seq_id 
_struct_conn.pdbx_ptnr3_label_comp_id 
_struct_conn.pdbx_ptnr3_label_asym_id 
_struct_conn.pdbx_ptnr3_label_alt_id 
_struct_conn.pdbx_ptnr3_PDB_ins_code 
_struct_conn.details 
_struct_conn.pdbx_dist_value 
_struct_conn.pdbx_value_order 
_struct_conn.pdbx_role 
covale1  covale both ? A GLN 5  C A ? ? 1_555 A BIL 6  N A ? A GLN 4  A BIL 5  1_555 ? ? ? ? ? ? ? 1.327 ? ? 
covale2  covale both ? A GLN 5  C B ? ? 1_555 A BIL 6  N B ? A GLN 4  A BIL 5  1_555 ? ? ? ? ? ? ? 1.335 ? ? 
covale3  covale both ? A BIL 6  C A ? ? 1_555 A GLU 7  N ? ? A BIL 5  A GLU 6  1_555 ? ? ? ? ? ? ? 1.341 ? ? 
covale4  covale both ? A BIL 6  C B ? ? 1_555 A GLU 7  N ? ? A BIL 5  A GLU 6  1_555 ? ? ? ? ? ? ? 1.352 ? ? 
covale5  covale both ? A GLU 7  C ? ? ? 1_555 A XCP 8  N ? ? A GLU 6  A XCP 7  1_555 ? ? ? ? ? ? ? 1.310 ? ? 
covale6  covale both ? A XCP 8  C ? ? ? 1_555 A LYS 9  N ? ? A XCP 7  A LYS 8  1_555 ? ? ? ? ? ? ? 1.326 ? ? 
covale7  covale both ? A LEU 10 C ? ? ? 1_555 A XCP 11 N ? ? A LEU 9  A XCP 10 1_555 ? ? ? ? ? ? ? 1.319 ? ? 
covale8  covale both ? A XCP 11 C ? ? ? 1_555 A GLU 12 N ? ? A XCP 10 A GLU 11 1_555 ? ? ? ? ? ? ? 1.327 ? ? 
covale9  covale both ? A GLU 12 C ? ? ? 1_555 A BIL 13 N ? ? A GLU 11 A BIL 12 1_555 ? ? ? ? ? ? ? 1.336 ? ? 
covale10 covale both ? A BIL 13 C ? ? ? 1_555 A LEU 14 N ? ? A BIL 12 A LEU 13 1_555 ? ? ? ? ? ? ? 1.313 ? ? 
covale11 covale both ? A LEU 14 C ? ? ? 1_555 A XCP 15 N ? ? A LEU 13 A XCP 14 1_555 ? ? ? ? ? ? ? 1.307 ? ? 
covale12 covale both ? A XCP 15 C ? ? ? 1_555 A LYS 16 N ? ? A XCP 14 A LYS 15 1_555 ? ? ? ? ? ? ? 1.343 ? ? 
covale13 covale both ? A LEU 17 C ? ? ? 1_555 A B3Y 18 N ? ? A LEU 16 A B3Y 17 1_555 ? ? ? ? ? ? ? 1.325 ? ? 
covale14 covale both ? A B3Y 18 C ? ? ? 1_555 A HIS 19 N ? ? A B3Y 17 A HIS 18 1_555 ? ? ? ? ? ? ? 1.323 ? ? 
covale15 covale both ? A HIS 19 C ? ? ? 1_555 A BIL 20 N ? ? A HIS 18 A BIL 19 1_555 ? ? ? ? ? ? ? 1.301 ? ? 
covale16 covale both ? A BIL 20 C ? ? ? 1_555 A GLU 21 N ? ? A BIL 19 A GLU 20 1_555 ? ? ? ? ? ? ? 1.316 ? ? 
covale17 covale both ? A GLU 21 C ? ? ? 1_555 A XCP 22 N ? ? A GLU 20 A XCP 21 1_555 ? ? ? ? ? ? ? 1.317 ? ? 
covale18 covale both ? A XCP 22 C ? ? ? 1_555 A GLU 23 N ? ? A XCP 21 A GLU 22 1_555 ? ? ? ? ? ? ? 1.306 ? ? 
covale19 covale both ? A LEU 24 C ? ? ? 1_555 A XCP 25 N ? ? A LEU 23 A XCP 24 1_555 ? ? ? ? ? ? ? 1.312 ? ? 
covale20 covale both ? A XCP 25 C ? ? ? 1_555 A ARG 26 N ? ? A XCP 24 A ARG 25 1_555 ? ? ? ? ? ? ? 1.305 ? ? 
covale21 covale both ? A ARG 26 C ? ? ? 1_555 A BIL 27 N ? ? A ARG 25 A BIL 26 1_555 ? ? ? ? ? ? ? 1.335 ? ? 
covale22 covale both ? A BIL 27 C ? ? ? 1_555 A LYS 28 N ? ? A BIL 26 A LYS 27 1_555 ? ? ? ? ? ? ? 1.325 ? ? 
covale23 covale both ? A LYS 28 C ? ? ? 1_555 A XPC 29 N ? ? A LYS 27 A XPC 28 1_555 ? ? ? ? ? ? ? 1.306 ? ? 
covale24 covale both ? A XPC 29 C ? ? ? 1_555 A LEU 30 N ? ? A XPC 28 A LEU 29 1_555 ? ? ? ? ? ? ? 1.318 ? ? 
covale25 covale both ? A LEU 31 C ? ? ? 1_555 A XCP 32 N ? ? A LEU 30 A XCP 31 1_555 ? ? ? ? ? ? ? 1.319 ? ? 
covale26 covale both ? A XCP 32 C ? ? ? 1_555 A GLU 33 N ? ? A XCP 31 A GLU 32 1_555 ? ? ? ? ? ? ? 1.325 ? ? 
covale27 covale both ? A GLU 33 C ? ? ? 1_555 A XPC 34 N ? ? A GLU 32 A XPC 33 1_555 ? ? ? ? ? ? ? 1.367 ? ? 
# 
_struct_conn_type.id          covale 
_struct_conn_type.criteria    ? 
_struct_conn_type.reference   ? 
# 
_struct_site.id                   AC1 
_struct_site.pdbx_evidence_code   Software 
_struct_site.pdbx_auth_asym_id    A 
_struct_site.pdbx_auth_comp_id    16A 
_struct_site.pdbx_auth_seq_id     34 
_struct_site.pdbx_auth_ins_code   ? 
_struct_site.pdbx_num_residues    11 
_struct_site.details              'BINDING SITE FOR RESIDUE 16A A 34' 
# 
loop_
_struct_site_gen.id 
_struct_site_gen.site_id 
_struct_site_gen.pdbx_num_res 
_struct_site_gen.label_comp_id 
_struct_site_gen.label_asym_id 
_struct_site_gen.label_seq_id 
_struct_site_gen.pdbx_auth_ins_code 
_struct_site_gen.auth_comp_id 
_struct_site_gen.auth_asym_id 
_struct_site_gen.auth_seq_id 
_struct_site_gen.label_atom_id 
_struct_site_gen.label_alt_id 
_struct_site_gen.symmetry 
_struct_site_gen.details 
1  AC1 11 GLN A 5  ? GLN A 4  . ? 10_555 ? 
2  AC1 11 GLN A 5  ? GLN A 4  . ? 1_555  ? 
3  AC1 11 GLU A 7  ? GLU A 6  . ? 10_555 ? 
4  AC1 11 GLU A 7  ? GLU A 6  . ? 8_555  ? 
5  AC1 11 GLU A 7  ? GLU A 6  . ? 1_555  ? 
6  AC1 11 GLU A 7  ? GLU A 6  . ? 15_555 ? 
7  AC1 11 LEU A 10 ? LEU A 9  . ? 1_555  ? 
8  AC1 11 XCP A 11 ? XCP A 10 . ? 10_555 ? 
9  AC1 11 B3Y A 18 ? B3Y A 17 . ? 10_555 ? 
10 AC1 11 GLU A 21 ? GLU A 20 . ? 10_555 ? 
11 AC1 11 GLU A 21 ? GLU A 20 . ? 1_555  ? 
# 
_atom_sites.entry_id                    3HF0 
_atom_sites.fract_transf_matrix[1][1]   0.01087052 
_atom_sites.fract_transf_matrix[1][2]   0.01745153 
_atom_sites.fract_transf_matrix[1][3]   -0.00339091 
_atom_sites.fract_transf_matrix[2][1]   0.01772879 
_atom_sites.fract_transf_matrix[2][2]   -0.01034622 
_atom_sites.fract_transf_matrix[2][3]   0.00358719 
_atom_sites.fract_transf_matrix[3][1]   0.00063039 
_atom_sites.fract_transf_matrix[3][2]   -0.00227041 
_atom_sites.fract_transf_matrix[3][3]   -0.00966388 
_atom_sites.fract_transf_vector[1]      0.027458 
_atom_sites.fract_transf_vector[2]      -0.226957 
_atom_sites.fract_transf_vector[3]      0.069288 
# 
loop_
_atom_type.symbol 
C 
H 
N 
O 
# 
loop_
_atom_site.group_PDB 
_atom_site.id 
_atom_site.type_symbol 
_atom_site.label_atom_id 
_atom_site.label_alt_id 
_atom_site.label_comp_id 
_atom_site.label_asym_id 
_atom_site.label_entity_id 
_atom_site.label_seq_id 
_atom_site.pdbx_PDB_ins_code 
_atom_site.Cartn_x 
_atom_site.Cartn_y 
_atom_site.Cartn_z 
_atom_site.occupancy 
_atom_site.B_iso_or_equiv 
_atom_site.pdbx_formal_charge 
_atom_site.auth_seq_id 
_atom_site.auth_comp_id 
_atom_site.auth_asym_id 
_atom_site.auth_atom_id 
_atom_site.pdbx_PDB_model_num 
ATOM   1   N N    A GLN A 1 5  ? 17.894  5.352  6.805   0.50 45.45 ? 4  GLN A N    1 
ATOM   2   N N    B GLN A 1 5  ? 20.012  -3.062 1.316   0.50 48.38 ? 4  GLN A N    1 
ATOM   3   C CA   A GLN A 1 5  ? 16.587  5.259  6.176   0.50 45.18 ? 4  GLN A CA   1 
ATOM   4   C CA   B GLN A 1 5  ? 18.573  -3.031 1.580   0.50 48.07 ? 4  GLN A CA   1 
ATOM   5   C C    A GLN A 1 5  ? 16.699  4.548  4.833   0.50 44.82 ? 4  GLN A C    1 
ATOM   6   C C    B GLN A 1 5  ? 18.013  -1.650 1.294   0.50 47.76 ? 4  GLN A C    1 
ATOM   7   O O    A GLN A 1 5  ? 15.939  4.841  3.934   0.50 44.62 ? 4  GLN A O    1 
ATOM   8   O O    B GLN A 1 5  ? 17.188  -1.473 0.399   0.50 47.93 ? 4  GLN A O    1 
ATOM   9   C CB   A GLN A 1 5  ? 16.003  6.658  5.960   0.50 45.07 ? 4  GLN A CB   1 
ATOM   10  C CB   B GLN A 1 5  ? 18.289  -3.404 3.038   0.50 48.12 ? 4  GLN A CB   1 
ATOM   11  C CG   A GLN A 1 5  ? 16.563  7.746  6.893   0.50 44.59 ? 4  GLN A CG   1 
ATOM   12  C CD   A GLN A 1 5  ? 15.641  8.094  8.053   0.50 42.61 ? 4  GLN A CD   1 
ATOM   13  O OE1  A GLN A 1 5  ? 15.034  7.220  8.652   0.50 41.35 ? 4  GLN A OE1  1 
ATOM   14  N NE2  A GLN A 1 5  ? 15.549  9.380  8.380   0.50 42.52 ? 4  GLN A NE2  1 
ATOM   15  H H1   A GLN A 1 5  ? 18.524  4.974  6.358   0.50 45.40 ? 4  GLN A H1   1 
ATOM   16  H H1   B GLN A 1 5  ? 20.342  -2.301 1.088   0.50 48.32 ? 4  GLN A H1   1 
ATOM   17  H HA   A GLN A 1 5  ? 15.984  4.754  6.757   0.50 45.19 ? 4  GLN A HA   1 
ATOM   18  H HA   B GLN A 1 5  ? 18.120  -3.678 0.999   0.50 48.13 ? 4  GLN A HA   1 
ATOM   19  H HB2  A GLN A 1 5  ? 16.181  6.930  5.046   0.50 45.13 ? 4  GLN A HB2  1 
ATOM   20  H HB2  B GLN A 1 5  ? 17.422  -3.052 3.295   0.00 47.91 ? 4  GLN A HB2  1 
ATOM   21  H HB3  A GLN A 1 5  ? 15.048  6.616  6.109   0.50 45.13 ? 4  GLN A HB3  1 
ATOM   22  H HB3  B GLN A 1 5  ? 19.087  -3.800 3.424   0.50 48.14 ? 4  GLN A HB3  1 
ATOM   23  H HG2  . GLN A 1 5  ? 17.404  7.437  7.264   0.50 44.30 ? 4  GLN A HG2  1 
ATOM   24  H HG3  . GLN A 1 5  ? 16.711  8.555  6.377   0.50 44.30 ? 4  GLN A HG3  1 
ATOM   25  H HE21 . GLN A 1 5  ? 16.017  9.970  7.940   0.00 42.39 ? 4  GLN A HE21 1 
ATOM   26  H HE22 . GLN A 1 5  ? 15.049  9.637  9.022   0.00 42.39 ? 4  GLN A HE22 1 
HETATM 27  C C    A BIL A 1 6  ? 16.599  0.745  4.008   0.50 43.99 ? 5  BIL A C    1 
HETATM 28  C C    B BIL A 1 6  ? 16.481  0.664  3.953   0.50 44.74 ? 5  BIL A C    1 
HETATM 29  O O    A BIL A 1 6  ? 15.646  0.845  3.262   0.50 43.87 ? 5  BIL A O    1 
HETATM 30  O O    B BIL A 1 6  ? 15.454  0.688  3.303   0.50 44.65 ? 5  BIL A O    1 
HETATM 31  C CA   A BIL A 1 6  ? 17.932  1.402  3.652   0.50 44.43 ? 5  BIL A CA   1 
HETATM 32  C CA   B BIL A 1 6  ? 17.714  1.331  3.363   0.50 45.72 ? 5  BIL A CA   1 
HETATM 33  C CB   A BIL A 1 6  ? 17.784  2.916  3.427   0.50 44.70 ? 5  BIL A CB   1 
HETATM 34  C CB   B BIL A 1 6  ? 18.078  0.726  1.975   0.50 46.55 ? 5  BIL A CB   1 
HETATM 35  N N    A BIL A 1 6  ? 17.639  3.622  4.696   0.50 44.85 ? 5  BIL A N    1 
HETATM 36  N N    B BIL A 1 6  ? 18.486  -0.681 2.081   0.50 47.26 ? 5  BIL A N    1 
HETATM 37  C CG   A BIL A 1 6  ? 18.935  3.483  2.602   0.50 44.63 ? 5  BIL A CG   1 
HETATM 38  C CG   B BIL A 1 6  ? 16.941  0.875  0.970   0.50 46.37 ? 5  BIL A CG   1 
HETATM 39  H HA   A BIL A 1 6  ? 18.658  1.227  4.448   0.50 44.35 ? 5  BIL A HA   1 
HETATM 40  H HA   B BIL A 1 6  ? 17.530  2.401  3.254   0.50 45.50 ? 5  BIL A HA   1 
HETATM 41  H HAA  A BIL A 1 6  ? 18.323  0.942  2.742   0.50 44.35 ? 5  BIL A HAA  1 
HETATM 42  H HAA  B BIL A 1 6  ? 18.557  1.204  4.045   0.50 45.50 ? 5  BIL A HAA  1 
HETATM 43  H HB   A BIL A 1 6  ? 16.865  3.066  2.843   0.50 44.70 ? 5  BIL A HB   1 
HETATM 44  H HB   B BIL A 1 6  ? 18.929  1.302  1.585   0.50 46.54 ? 5  BIL A HB   1 
HETATM 45  H H    A BIL A 1 6  ? 18.269  3.383  5.449   0.50 44.85 ? 5  BIL A H    1 
HETATM 46  H H    B BIL A 1 6  ? 19.162  -0.918 2.790   0.50 47.25 ? 5  BIL A H    1 
HETATM 47  H HG   A BIL A 1 6  ? 19.705  2.706  2.503   0.50 44.70 ? 5  BIL A HG   1 
HETATM 48  H HG   B BIL A 1 6  ? 17.289  1.510  0.145   0.50 46.47 ? 5  BIL A HG   1 
ATOM   49  N N    . GLU A 1 7  ? 16.562  0.073  5.167   1.00 43.61 ? 6  GLU A N    1 
ATOM   50  C CA   A GLU A 1 7  ? 15.357  -0.645 5.709   0.50 42.68 ? 6  GLU A CA   1 
ATOM   51  C CA   B GLU A 1 7  ? 15.403  -0.571 5.753   0.50 42.70 ? 6  GLU A CA   1 
ATOM   52  C C    . GLU A 1 7  ? 14.229  0.286  6.164   1.00 41.91 ? 6  GLU A C    1 
ATOM   53  O O    . GLU A 1 7  ? 13.090  -0.064 5.920   1.00 41.59 ? 6  GLU A O    1 
ATOM   54  C CB   A GLU A 1 7  ? 15.678  -1.609 6.860   0.50 43.05 ? 6  GLU A CB   1 
ATOM   55  C CB   B GLU A 1 7  ? 15.826  -1.386 6.982   0.50 42.94 ? 6  GLU A CB   1 
ATOM   56  C CG   A GLU A 1 7  ? 14.423  -2.334 7.466   0.50 42.96 ? 6  GLU A CG   1 
ATOM   57  C CG   B GLU A 1 7  ? 17.183  -2.110 6.880   0.50 42.83 ? 6  GLU A CG   1 
ATOM   58  C CD   A GLU A 1 7  ? 14.761  -3.220 8.672   0.50 44.02 ? 6  GLU A CD   1 
ATOM   59  C CD   B GLU A 1 7  ? 18.275  -1.448 7.723   0.50 42.05 ? 6  GLU A CD   1 
ATOM   60  O OE1  A GLU A 1 7  ? 15.956  -3.301 9.031   0.50 45.12 ? 6  GLU A OE1  1 
ATOM   61  O OE1  B GLU A 1 7  ? 18.506  -1.947 8.847   0.50 41.43 ? 6  GLU A OE1  1 
ATOM   62  O OE2  A GLU A 1 7  ? 13.846  -3.839 9.271   0.50 43.42 ? 6  GLU A OE2  1 
ATOM   63  O OE2  B GLU A 1 7  ? 18.885  -0.443 7.282   0.50 39.84 ? 6  GLU A OE2  1 
ATOM   64  H H    . GLU A 1 7  ? 17.257  0.026  5.666   1.00 43.60 ? 6  GLU A H    1 
ATOM   65  H HA   A GLU A 1 7  ? 14.997  -1.194 4.984   0.50 42.84 ? 6  GLU A HA   1 
ATOM   66  H HA   B GLU A 1 7  ? 15.064  -1.213 5.096   0.50 42.82 ? 6  GLU A HA   1 
ATOM   67  H HB2  A GLU A 1 7  ? 16.282  -2.293 6.532   0.50 42.87 ? 6  GLU A HB2  1 
ATOM   68  H HB2  B GLU A 1 7  ? 15.879  -0.789 7.746   0.50 42.84 ? 6  GLU A HB2  1 
ATOM   69  H HB3  A GLU A 1 7  ? 16.105  -1.110 7.573   0.50 42.87 ? 6  GLU A HB3  1 
ATOM   70  H HB3  B GLU A 1 7  ? 15.150  -2.061 7.147   0.50 42.84 ? 6  GLU A HB3  1 
ATOM   71  H HG2  A GLU A 1 7  ? 13.783  -1.676 7.776   0.50 43.29 ? 6  GLU A HG2  1 
ATOM   72  H HG2  B GLU A 1 7  ? 17.071  -3.015 7.210   0.50 42.73 ? 6  GLU A HG2  1 
ATOM   73  H HG3  A GLU A 1 7  ? 14.021  -2.894 6.785   0.50 43.29 ? 6  GLU A HG3  1 
ATOM   74  H HG3  B GLU A 1 7  ? 17.478  -2.139 5.957   0.50 42.73 ? 6  GLU A HG3  1 
HETATM 75  N N    . XCP A 1 8  ? 14.507  1.405  6.784   1.00 40.26 ? 7  XCP A N    1 
HETATM 76  C CB   . XCP A 1 8  ? 13.389  2.256  7.196   1.00 38.63 ? 7  XCP A CB   1 
HETATM 77  C CG   . XCP A 1 8  ? 13.450  2.770  8.639   1.00 38.44 ? 7  XCP A CG   1 
HETATM 78  C CD   . XCP A 1 8  ? 13.232  4.282  8.580   1.00 37.95 ? 7  XCP A CD   1 
HETATM 79  C CE   . XCP A 1 8  ? 12.832  4.623  7.133   1.00 37.75 ? 7  XCP A CE   1 
HETATM 80  C CA   . XCP A 1 8  ? 13.404  3.484  6.266   1.00 37.47 ? 7  XCP A CA   1 
HETATM 81  C C    . XCP A 1 8  ? 12.656  3.323  4.938   1.00 35.92 ? 7  XCP A C    1 
HETATM 82  O O    . XCP A 1 8  ? 11.448  3.187  4.909   1.00 34.21 ? 7  XCP A O    1 
HETATM 83  H H    . XCP A 1 8  ? 15.312  1.659  6.961   1.00 40.31 ? 7  XCP A H    1 
HETATM 84  H HB   . XCP A 1 8  ? 12.538  1.787  7.079   1.00 38.84 ? 7  XCP A HB   1 
HETATM 85  H HG   . XCP A 1 8  ? 14.326  2.573  9.028   1.00 38.43 ? 7  XCP A HG   1 
HETATM 86  H HGA  . XCP A 1 8  ? 12.743  2.350  9.173   1.00 38.43 ? 7  XCP A HGA  1 
HETATM 87  H HD   . XCP A 1 8  ? 14.060  4.747  8.817   1.00 38.08 ? 7  XCP A HD   1 
HETATM 88  H HDA  . XCP A 1 8  ? 12.515  4.541  9.196   1.00 38.08 ? 7  XCP A HDA  1 
HETATM 89  H HE   . XCP A 1 8  ? 13.219  5.481  6.867   1.00 37.66 ? 7  XCP A HE   1 
HETATM 90  H HEA  . XCP A 1 8  ? 11.855  4.655  7.053   1.00 37.66 ? 7  XCP A HEA  1 
HETATM 91  H HA   . XCP A 1 8  ? 14.335  3.693  6.066   1.00 37.50 ? 7  XCP A HA   1 
ATOM   92  N N    . LYS A 1 9  ? 13.413  3.343  3.849   1.00 34.52 ? 8  LYS A N    1 
ATOM   93  C CA   . LYS A 1 9  ? 12.862  3.205  2.510   1.00 34.34 ? 8  LYS A CA   1 
ATOM   94  C C    . LYS A 1 9  ? 12.214  1.884  2.133   1.00 32.52 ? 8  LYS A C    1 
ATOM   95  O O    . LYS A 1 9  ? 11.107  1.876  1.604   1.00 31.75 ? 8  LYS A O    1 
ATOM   96  C CB   . LYS A 1 9  ? 13.916  3.580  1.456   1.00 35.16 ? 8  LYS A CB   1 
ATOM   97  C CG   . LYS A 1 9  ? 13.268  3.997  0.140   1.00 39.13 ? 8  LYS A CG   1 
ATOM   98  C CD   . LYS A 1 9  ? 14.231  4.158  -1.039  1.00 43.60 ? 8  LYS A CD   1 
ATOM   99  C CE   . LYS A 1 9  ? 13.449  4.654  -2.274  1.00 45.93 ? 8  LYS A CE   1 
ATOM   100 N NZ   . LYS A 1 9  ? 14.347  5.157  -3.352  1.00 49.98 ? 8  LYS A NZ   1 
ATOM   101 H H    . LYS A 1 9  ? 14.266  3.439  3.862   1.00 34.89 ? 8  LYS A H    1 
ATOM   102 H HA   . LYS A 1 9  ? 12.154  3.879  2.430   1.00 34.22 ? 8  LYS A HA   1 
ATOM   103 H HB2  . LYS A 1 9  ? 14.443  4.327  1.778   1.00 35.19 ? 8  LYS A HB2  1 
ATOM   104 H HB3  . LYS A 1 9  ? 14.488  2.815  1.285   1.00 35.19 ? 8  LYS A HB3  1 
ATOM   105 H HG2  . LYS A 1 9  ? 12.609  3.335  -0.117  1.00 39.31 ? 8  LYS A HG2  1 
ATOM   106 H HG3  . LYS A 1 9  ? 12.832  4.853  0.276   1.00 39.31 ? 8  LYS A HG3  1 
ATOM   107 H HD2  . LYS A 1 9  ? 14.912  4.813  -0.819  1.00 43.16 ? 8  LYS A HD2  1 
ATOM   108 H HD3  . LYS A 1 9  ? 14.634  3.301  -1.250  1.00 43.16 ? 8  LYS A HD3  1 
ATOM   109 H HE2  . LYS A 1 9  ? 12.924  3.921  -2.634  1.00 46.40 ? 8  LYS A HE2  1 
ATOM   110 H HE3  . LYS A 1 9  ? 12.868  5.383  -2.011  1.00 46.40 ? 8  LYS A HE3  1 
ATOM   111 H HZ1  . LYS A 1 9  ? 14.855  5.920  -2.984  0.00 49.54 ? 8  LYS A HZ1  1 
ATOM   112 H HZ2  . LYS A 1 9  ? 13.838  5.476  -4.082  0.00 49.54 ? 8  LYS A HZ2  1 
ATOM   113 H HZ3  . LYS A 1 9  ? 14.963  4.495  -3.618  0.00 49.54 ? 8  LYS A HZ3  1 
ATOM   114 N N    . LEU A 1 10 ? 12.901  0.778  2.375   1.00 30.94 ? 9  LEU A N    1 
ATOM   115 C CA   . LEU A 1 10 ? 12.387  -0.524 1.990   1.00 30.18 ? 9  LEU A CA   1 
ATOM   116 C C    . LEU A 1 10 ? 11.043  -0.807 2.648   1.00 29.42 ? 9  LEU A C    1 
ATOM   117 O O    . LEU A 1 10 ? 10.072  -1.199 1.993   1.00 28.40 ? 9  LEU A O    1 
ATOM   118 C CB   . LEU A 1 10 ? 13.388  -1.619 2.353   1.00 30.41 ? 9  LEU A CB   1 
ATOM   119 C CG   . LEU A 1 10 ? 12.859  -3.053 2.353   1.00 31.94 ? 9  LEU A CG   1 
ATOM   120 C CD1  . LEU A 1 10 ? 12.544  -3.484 0.925   1.00 32.20 ? 9  LEU A CD1  1 
ATOM   121 C CD2  . LEU A 1 10 ? 13.824  -4.016 3.066   1.00 31.77 ? 9  LEU A CD2  1 
ATOM   122 H H    . LEU A 1 10 ? 13.669  0.763  2.762   1.00 31.21 ? 9  LEU A H    1 
ATOM   123 H HA   . LEU A 1 10 ? 12.259  -0.542 1.019   1.00 30.27 ? 9  LEU A HA   1 
ATOM   124 H HB2  . LEU A 1 10 ? 14.126  -1.581 1.723   1.00 30.51 ? 9  LEU A HB2  1 
ATOM   125 H HB3  . LEU A 1 10 ? 13.716  -1.442 3.245   1.00 30.51 ? 9  LEU A HB3  1 
ATOM   126 H HG   . LEU A 1 10 ? 12.029  -3.085 2.849   1.00 31.71 ? 9  LEU A HG   1 
ATOM   127 H HD11 . LEU A 1 10 ? 13.340  -3.432 0.399   0.00 31.87 ? 9  LEU A HD11 1 
ATOM   128 H HD12 . LEU A 1 10 ? 11.872  -2.889 0.559   0.00 31.87 ? 9  LEU A HD12 1 
ATOM   129 H HD13 . LEU A 1 10 ? 12.204  -4.378 0.934   0.00 31.87 ? 9  LEU A HD13 1 
ATOM   130 H HD21 . LEU A 1 10 ? 14.660  -4.001 2.614   0.00 31.61 ? 9  LEU A HD21 1 
ATOM   131 H HD22 . LEU A 1 10 ? 13.443  -4.899 3.038   0.00 31.61 ? 9  LEU A HD22 1 
ATOM   132 H HD23 . LEU A 1 10 ? 13.922  -3.731 3.976   0.00 31.61 ? 9  LEU A HD23 1 
HETATM 133 N N    . XCP A 1 11 ? 10.989  -0.607 3.951   1.00 28.38 ? 10 XCP A N    1 
HETATM 134 C CB   . XCP A 1 11 ? 9.758   -0.846 4.673   1.00 27.52 ? 10 XCP A CB   1 
HETATM 135 C CG   . XCP A 1 11 ? 10.003  -1.760 5.855   1.00 28.14 ? 10 XCP A CG   1 
HETATM 136 C CD   . XCP A 1 11 ? 8.820   -1.462 6.777   1.00 28.56 ? 10 XCP A CD   1 
HETATM 137 C CE   . XCP A 1 11 ? 8.640   0.048  6.632   1.00 27.85 ? 10 XCP A CE   1 
HETATM 138 C CA   . XCP A 1 11 ? 9.257   0.470  5.274   1.00 27.33 ? 10 XCP A CA   1 
HETATM 139 C C    . XCP A 1 11 ? 8.226   1.313  4.525   1.00 26.90 ? 10 XCP A C    1 
HETATM 140 O O    . XCP A 1 11 ? 7.109   0.904  4.312   1.00 24.66 ? 10 XCP A O    1 
HETATM 141 H H    . XCP A 1 11 ? 11.666  -0.335 4.397   1.00 28.47 ? 10 XCP A H    1 
HETATM 142 H HB   . XCP A 1 11 ? 9.068   -1.232 4.096   1.00 27.87 ? 10 XCP A HB   1 
HETATM 143 H HG   . XCP A 1 11 ? 10.850  -1.538 6.297   1.00 28.15 ? 10 XCP A HG   1 
HETATM 144 H HGA  . XCP A 1 11 ? 9.997   -2.697 5.568   1.00 28.15 ? 10 XCP A HGA  1 
HETATM 145 H HD   . XCP A 1 11 ? 9.032   -1.700 7.704   1.00 28.36 ? 10 XCP A HD   1 
HETATM 146 H HDA  . XCP A 1 11 ? 8.016   -1.933 6.472   1.00 28.36 ? 10 XCP A HDA  1 
HETATM 147 H HE   . XCP A 1 11 ? 9.116   0.501  7.358   1.00 27.67 ? 10 XCP A HE   1 
HETATM 148 H HEA  . XCP A 1 11 ? 7.687   0.274  6.672   1.00 27.67 ? 10 XCP A HEA  1 
HETATM 149 H HA   . XCP A 1 11 ? 10.038  1.030  5.466   1.00 27.43 ? 10 XCP A HA   1 
ATOM   150 N N    . GLU A 1 12 ? 8.649   2.509  4.136   1.00 27.41 ? 11 GLU A N    1 
ATOM   151 C CA   A GLU A 1 12 ? 7.797   3.454  3.405   0.50 27.74 ? 11 GLU A CA   1 
ATOM   152 C CA   B GLU A 1 12 ? 7.808   3.452  3.410   0.50 27.77 ? 11 GLU A CA   1 
ATOM   153 C C    . GLU A 1 12 ? 7.416   3.097  1.980   1.00 27.44 ? 11 GLU A C    1 
ATOM   154 O O    . GLU A 1 12 ? 6.271   3.357  1.592   1.00 26.91 ? 11 GLU A O    1 
ATOM   155 C CB   A GLU A 1 12 ? 8.422   4.860  3.426   0.50 28.14 ? 11 GLU A CB   1 
ATOM   156 C CB   B GLU A 1 12 ? 8.505   4.822  3.395   0.50 28.18 ? 11 GLU A CB   1 
ATOM   157 C CG   A GLU A 1 12 ? 8.732   5.424  4.826   0.50 29.45 ? 11 GLU A CG   1 
ATOM   158 C CG   B GLU A 1 12 ? 8.678   5.445  4.778   0.50 29.69 ? 11 GLU A CG   1 
ATOM   159 C CD   A GLU A 1 12 ? 7.507   5.962  5.579   0.50 31.60 ? 11 GLU A CD   1 
ATOM   160 C CD   B GLU A 1 12 ? 9.809   6.447  4.843   0.50 32.24 ? 11 GLU A CD   1 
ATOM   161 O OE1  A GLU A 1 12 ? 6.370   5.463  5.388   0.50 32.90 ? 11 GLU A OE1  1 
ATOM   162 O OE1  B GLU A 1 12 ? 10.670  6.446  3.935   0.50 33.16 ? 11 GLU A OE1  1 
ATOM   163 O OE2  A GLU A 1 12 ? 7.702   6.893  6.389   0.50 33.96 ? 11 GLU A OE2  1 
ATOM   164 O OE2  B GLU A 1 12 ? 9.846   7.229  5.819   0.50 34.32 ? 11 GLU A OE2  1 
ATOM   165 H H    . GLU A 1 12 ? 9.443   2.798  4.289   1.00 27.50 ? 11 GLU A H    1 
ATOM   166 H HA   A GLU A 1 12 ? 6.955   3.526  3.903   0.50 27.74 ? 11 GLU A HA   1 
ATOM   167 H HA   B GLU A 1 12 ? 6.975   3.562  3.914   0.50 27.76 ? 11 GLU A HA   1 
ATOM   168 H HB2  A GLU A 1 12 ? 9.257   4.832  2.932   0.50 28.11 ? 11 GLU A HB2  1 
ATOM   169 H HB2  B GLU A 1 12 ? 9.386   4.724  3.001   0.50 28.17 ? 11 GLU A HB2  1 
ATOM   170 H HB3  A GLU A 1 12 ? 7.810   5.476  2.993   0.50 28.11 ? 11 GLU A HB3  1 
ATOM   171 H HB3  B GLU A 1 12 ? 7.975   5.438  2.864   0.50 28.17 ? 11 GLU A HB3  1 
ATOM   172 H HG2  A GLU A 1 12 ? 9.131   4.733  5.375   0.50 29.70 ? 11 GLU A HG2  1 
ATOM   173 H HG2  B GLU A 1 12 ? 7.860   5.906  5.018   0.50 29.99 ? 11 GLU A HG2  1 
ATOM   174 H HG3  A GLU A 1 12 ? 9.358   6.159  4.729   0.50 29.70 ? 11 GLU A HG3  1 
ATOM   175 H HG3  B GLU A 1 12 ? 8.863   4.748  5.427   0.50 29.99 ? 11 GLU A HG3  1 
HETATM 176 C C    . BIL A 1 13 ? 7.148   -0.175 0.060   1.00 25.89 ? 12 BIL A C    1 
HETATM 177 O O    . BIL A 1 13 ? 6.050   -0.022 -0.465  1.00 25.49 ? 12 BIL A O    1 
HETATM 178 C CA   . BIL A 1 13 ? 8.335   0.660  -0.302  1.00 26.04 ? 12 BIL A CA   1 
HETATM 179 C CB   . BIL A 1 13 ? 8.114   2.128  -0.149  1.00 26.91 ? 12 BIL A CB   1 
HETATM 180 N N    . BIL A 1 13 ? 8.356   2.517  1.229   1.00 26.93 ? 12 BIL A N    1 
HETATM 181 C CG   . BIL A 1 13 ? 9.098   2.911  -1.020  1.00 28.03 ? 12 BIL A CG   1 
HETATM 182 C CD2  . BIL A 1 13 ? 8.866   2.713  -2.519  1.00 28.20 ? 12 BIL A CD2  1 
HETATM 183 C CD1  . BIL A 1 13 ? 8.993   4.397  -0.713  1.00 31.36 ? 12 BIL A CD1  1 
HETATM 184 C CE1  . BIL A 1 13 ? 10.296  5.080  -1.024  1.00 35.54 ? 12 BIL A CE1  1 
HETATM 185 H HA   . BIL A 1 13 ? 9.193   0.376  0.308   1.00 26.10 ? 12 BIL A HA   1 
HETATM 186 H HAA  . BIL A 1 13 ? 8.599   0.437  -1.337  1.00 26.10 ? 12 BIL A HAA  1 
HETATM 187 H HB   . BIL A 1 13 ? 7.092   2.376  -0.466  1.00 26.72 ? 12 BIL A HB   1 
HETATM 188 H H    . BIL A 1 13 ? 9.266   2.332  1.601   1.00 27.11 ? 12 BIL A H    1 
HETATM 189 H HG   . BIL A 1 13 ? 10.117  2.574  -0.782  1.00 28.53 ? 12 BIL A HG   1 
HETATM 190 H H3D2 . BIL A 1 13 ? 9.733   2.292  -2.963  0.00 27.99 ? 12 BIL A H3D2 1 
HETATM 191 H H2D2 . BIL A 1 13 ? 8.046   2.044  -2.667  0.00 27.99 ? 12 BIL A H2D2 1 
HETATM 192 H H1D2 . BIL A 1 13 ? 8.644   3.638  -2.978  0.00 27.99 ? 12 BIL A H1D2 1 
HETATM 193 H H1D1 . BIL A 1 13 ? 8.753   4.579  0.333   1.00 31.62 ? 12 BIL A H1D1 1 
HETATM 194 H H2D1 . BIL A 1 13 ? 8.199   4.840  -1.318  1.00 31.62 ? 12 BIL A H2D1 1 
HETATM 195 H H3E1 . BIL A 1 13 ? 10.997  4.367  -1.338  0.00 35.18 ? 12 BIL A H3E1 1 
HETATM 196 H H2E1 . BIL A 1 13 ? 10.154  5.822  -1.740  0.00 35.18 ? 12 BIL A H2E1 1 
HETATM 197 H H1E1 . BIL A 1 13 ? 10.647  5.529  -0.107  0.00 35.18 ? 12 BIL A H1E1 1 
ATOM   198 N N    . LEU A 1 14 ? 7.374   -1.081 0.983   1.00 25.18 ? 13 LEU A N    1 
ATOM   199 C CA   . LEU A 1 14 ? 6.341   -1.978 1.454   1.00 25.19 ? 13 LEU A CA   1 
ATOM   200 C C    . LEU A 1 14 ? 5.108   -1.440 2.128   1.00 25.15 ? 13 LEU A C    1 
ATOM   201 O O    . LEU A 1 14 ? 4.036   -1.916 1.824   1.00 24.58 ? 13 LEU A O    1 
ATOM   202 C CB   . LEU A 1 14 ? 6.986   -3.087 2.300   1.00 25.75 ? 13 LEU A CB   1 
ATOM   203 C CG   . LEU A 1 14 ? 8.054   -3.904 1.557   1.00 26.77 ? 13 LEU A CG   1 
ATOM   204 C CD1  . LEU A 1 14 ? 9.058   -4.573 2.530   1.00 25.14 ? 13 LEU A CD1  1 
ATOM   205 C CD2  . LEU A 1 14 ? 7.377   -4.938 0.664   1.00 25.73 ? 13 LEU A CD2  1 
ATOM   206 H H    . LEU A 1 14 ? 8.137   -1.201 1.360   1.00 25.42 ? 13 LEU A H    1 
ATOM   207 H HA   . LEU A 1 14 ? 6.007   -2.436 0.654   1.00 25.34 ? 13 LEU A HA   1 
ATOM   208 H HB2  . LEU A 1 14 ? 7.411   -2.680 3.073   1.00 25.58 ? 13 LEU A HB2  1 
ATOM   209 H HB3  . LEU A 1 14 ? 6.294   -3.699 2.594   1.00 25.58 ? 13 LEU A HB3  1 
ATOM   210 H HG   . LEU A 1 14 ? 8.565   -3.320 0.977   1.00 26.11 ? 13 LEU A HG   1 
ATOM   211 H HD11 . LEU A 1 14 ? 8.583   -5.164 3.112   0.00 24.92 ? 13 LEU A HD11 1 
ATOM   212 H HD12 . LEU A 1 14 ? 9.506   -3.893 3.033   0.00 24.92 ? 13 LEU A HD12 1 
ATOM   213 H HD13 . LEU A 1 14 ? 9.706   -5.072 2.014   0.00 24.92 ? 13 LEU A HD13 1 
ATOM   214 H HD21 . LEU A 1 14 ? 6.849   -5.526 1.212   0.00 25.57 ? 13 LEU A HD21 1 
ATOM   215 H HD22 . LEU A 1 14 ? 8.050   -5.449 0.203   0.00 25.57 ? 13 LEU A HD22 1 
ATOM   216 H HD23 . LEU A 1 14 ? 6.816   -4.490 0.029   0.00 25.57 ? 13 LEU A HD23 1 
HETATM 217 N N    . XCP A 1 15 ? 5.255   -0.487 3.010   1.00 24.78 ? 14 XCP A N    1 
HETATM 218 C CB   . XCP A 1 15 ? 4.105   0.079  3.701   1.00 25.20 ? 14 XCP A CB   1 
HETATM 219 C CG   . XCP A 1 15 ? 4.291   0.067  5.232   1.00 25.67 ? 14 XCP A CG   1 
HETATM 220 C CD   . XCP A 1 15 ? 3.716   1.383  5.755   1.00 26.20 ? 14 XCP A CD   1 
HETATM 221 C CE   . XCP A 1 15 ? 3.059   2.048  4.540   1.00 25.15 ? 14 XCP A CE   1 
HETATM 222 C CA   . XCP A 1 15 ? 3.851   1.551  3.341   1.00 25.53 ? 14 XCP A CA   1 
HETATM 223 C C    . XCP A 1 15 ? 3.093   1.687  2.019   1.00 25.89 ? 14 XCP A C    1 
HETATM 224 O O    . XCP A 1 15 ? 1.918   1.397  1.977   1.00 24.83 ? 14 XCP A O    1 
HETATM 225 H H    . XCP A 1 15 ? 6.028   -0.179 3.198   1.00 25.03 ? 14 XCP A H    1 
HETATM 226 H HB   . XCP A 1 15 ? 3.298   -0.436 3.491   1.00 25.25 ? 14 XCP A HB   1 
HETATM 227 H HG   . XCP A 1 15 ? 5.238   -0.006 5.466   1.00 25.74 ? 14 XCP A HG   1 
HETATM 228 H HGA  . XCP A 1 15 ? 3.797   -0.686 5.619   1.00 25.74 ? 14 XCP A HGA  1 
HETATM 229 H HD   . XCP A 1 15 ? 4.432   1.951  6.108   1.00 25.88 ? 14 XCP A HD   1 
HETATM 230 H HDA  . XCP A 1 15 ? 3.047   1.208  6.450   1.00 25.88 ? 14 XCP A HDA  1 
HETATM 231 H HE   . XCP A 1 15 ? 3.126   3.023  4.611   1.00 25.56 ? 14 XCP A HE   1 
HETATM 232 H HEA  . XCP A 1 15 ? 2.121   1.774  4.477   1.00 25.56 ? 14 XCP A HEA  1 
HETATM 233 H HA   . XCP A 1 15 ? 4.705   2.029  3.288   1.00 25.50 ? 14 XCP A HA   1 
ATOM   234 N N    . LYS A 1 16 ? 3.781   2.130  0.954   1.00 26.70 ? 15 LYS A N    1 
ATOM   235 C CA   . LYS A 1 16 ? 3.146   2.297  -0.360  1.00 27.42 ? 15 LYS A CA   1 
ATOM   236 C C    . LYS A 1 16 ? 2.425   1.068  -0.875  1.00 26.74 ? 15 LYS A C    1 
ATOM   237 O O    . LYS A 1 16 ? 1.288   1.174  -1.291  1.00 27.63 ? 15 LYS A O    1 
ATOM   238 C CB   . LYS A 1 16 ? 4.154   2.748  -1.418  1.00 27.80 ? 15 LYS A CB   1 
ATOM   239 C CG   . LYS A 1 16 ? 3.541   3.032  -2.822  1.00 31.68 ? 15 LYS A CG   1 
ATOM   240 C CD   . LYS A 1 16 ? 4.503   2.614  -3.972  1.00 37.07 ? 15 LYS A CD   1 
ATOM   241 C CE   . LYS A 1 16 ? 4.231   3.319  -5.326  1.00 38.98 ? 15 LYS A CE   1 
ATOM   242 N NZ   . LYS A 1 16 ? 5.329   3.046  -6.339  1.00 39.22 ? 15 LYS A NZ   1 
ATOM   243 H H    . LYS A 1 16 ? 4.616   2.340  0.971   1.00 26.72 ? 15 LYS A H    1 
ATOM   244 H HA   . LYS A 1 16 ? 2.478   3.009  -0.280  1.00 27.25 ? 15 LYS A HA   1 
ATOM   245 H HB2  . LYS A 1 16 ? 4.577   3.567  -1.112  1.00 28.09 ? 15 LYS A HB2  1 
ATOM   246 H HB3  . LYS A 1 16 ? 4.824   2.056  -1.522  1.00 28.09 ? 15 LYS A HB3  1 
ATOM   247 H HG2  . LYS A 1 16 ? 2.713   2.543  -2.938  1.00 32.09 ? 15 LYS A HG2  1 
ATOM   248 H HG3  . LYS A 1 16 ? 3.375   3.983  -2.905  1.00 32.09 ? 15 LYS A HG3  1 
ATOM   249 H HD2  . LYS A 1 16 ? 5.412   2.825  -3.708  1.00 36.31 ? 15 LYS A HD2  1 
ATOM   250 H HD3  . LYS A 1 16 ? 4.417   1.658  -4.115  1.00 36.31 ? 15 LYS A HD3  1 
ATOM   251 H HE2  . LYS A 1 16 ? 3.394   2.993  -5.693  1.00 38.64 ? 15 LYS A HE2  1 
ATOM   252 H HE3  . LYS A 1 16 ? 4.184   4.276  -5.184  1.00 38.64 ? 15 LYS A HE3  1 
ATOM   253 H HZ1  . LYS A 1 16 ? 6.184   3.356  -6.004  0.00 39.11 ? 15 LYS A HZ1  1 
ATOM   254 H HZ2  . LYS A 1 16 ? 5.145   3.500  -7.160  0.00 39.11 ? 15 LYS A HZ2  1 
ATOM   255 H HZ3  . LYS A 1 16 ? 5.401   2.102  -6.511  0.00 39.11 ? 15 LYS A HZ3  1 
ATOM   256 N N    . LEU A 1 17 ? 3.066   -0.089 -0.892  1.00 26.38 ? 16 LEU A N    1 
ATOM   257 C CA   . LEU A 1 17 ? 2.471   -1.283 -1.520  1.00 26.17 ? 16 LEU A CA   1 
ATOM   258 C C    . LEU A 1 17 ? 1.268   -1.857 -0.770  1.00 26.12 ? 16 LEU A C    1 
ATOM   259 O O    . LEU A 1 17 ? 0.233   -2.162 -1.348  1.00 24.82 ? 16 LEU A O    1 
ATOM   260 C CB   . LEU A 1 17 ? 3.520   -2.381 -1.642  1.00 26.35 ? 16 LEU A CB   1 
ATOM   261 C CG   . LEU A 1 17 ? 3.601   -3.296 -2.861  1.00 29.20 ? 16 LEU A CG   1 
ATOM   262 C CD1  . LEU A 1 17 ? 4.097   -4.660 -2.463  1.00 27.07 ? 16 LEU A CD1  1 
ATOM   263 C CD2  . LEU A 1 17 ? 2.319   -3.408 -3.611  1.00 28.96 ? 16 LEU A CD2  1 
ATOM   264 H H    . LEU A 1 17 ? 3.842   -0.212 -0.542  1.00 26.47 ? 16 LEU A H    1 
ATOM   265 H HA   . LEU A 1 17 ? 2.175   -1.043 -2.422  1.00 26.29 ? 16 LEU A HA   1 
ATOM   266 H HB2  . LEU A 1 17 ? 4.391   -1.956 -1.594  1.00 26.64 ? 16 LEU A HB2  1 
ATOM   267 H HB3  . LEU A 1 17 ? 3.428   -2.962 -0.871  1.00 26.64 ? 16 LEU A HB3  1 
ATOM   268 H HG   . LEU A 1 17 ? 4.255   -2.923 -3.472  1.00 28.25 ? 16 LEU A HG   1 
ATOM   269 H HD11 . LEU A 1 17 ? 4.982   -4.568 -2.078  0.00 26.63 ? 16 LEU A HD11 1 
ATOM   270 H HD12 . LEU A 1 17 ? 4.156   -5.212 -3.248  0.00 26.63 ? 16 LEU A HD12 1 
ATOM   271 H HD13 . LEU A 1 17 ? 3.502   -5.040 -1.827  0.00 26.63 ? 16 LEU A HD13 1 
ATOM   272 H HD21 . LEU A 1 17 ? 2.061   -2.541 -3.921  0.00 28.66 ? 16 LEU A HD21 1 
ATOM   273 H HD22 . LEU A 1 17 ? 1.651   -3.771 -3.031  0.00 28.66 ? 16 LEU A HD22 1 
ATOM   274 H HD23 . LEU A 1 17 ? 2.453   -3.998 -4.363  0.00 28.66 ? 16 LEU A HD23 1 
HETATM 275 O O    . B3Y A 1 18 ? -2.221  -0.867 1.414   1.00 25.82 ? 17 B3Y A O    1 
HETATM 276 C C    . B3Y A 1 18 ? -1.124  -0.452 1.603   1.00 26.04 ? 17 B3Y A C    1 
HETATM 277 C CB   . B3Y A 1 18 ? -0.095  -1.371 2.239   1.00 25.68 ? 17 B3Y A CB   1 
HETATM 278 C CA   . B3Y A 1 18 ? 0.381   -2.531 1.393   1.00 25.77 ? 17 B3Y A CA   1 
HETATM 279 N N    . B3Y A 1 18 ? 1.425   -2.001 0.538   1.00 26.20 ? 17 B3Y A N    1 
HETATM 280 C CG   . B3Y A 1 18 ? 0.956   -3.640 2.276   1.00 25.71 ? 17 B3Y A CG   1 
HETATM 281 C CD   . B3Y A 1 18 ? 1.410   -4.857 1.494   1.00 25.65 ? 17 B3Y A CD   1 
HETATM 282 C CE2  . B3Y A 1 18 ? 0.490   -5.838 1.122   1.00 24.46 ? 17 B3Y A CE2  1 
HETATM 283 C CF2  . B3Y A 1 18 ? 0.886   -6.951 0.399   1.00 25.29 ? 17 B3Y A CF2  1 
HETATM 284 C CZ   . B3Y A 1 18 ? 2.202   -7.096 0.028   1.00 24.35 ? 17 B3Y A CZ   1 
HETATM 285 O OH   . B3Y A 1 18 ? 2.590   -8.183 -0.707  1.00 25.72 ? 17 B3Y A OH   1 
HETATM 286 C CF1  . B3Y A 1 18 ? 3.122   -6.124 0.395   1.00 25.05 ? 17 B3Y A CF1  1 
HETATM 287 C CE1  . B3Y A 1 18 ? 2.732   -5.007 1.124   1.00 25.09 ? 17 B3Y A CE1  1 
HETATM 288 H HB1  . B3Y A 1 18 ? -0.532  -1.772 3.156   1.00 25.85 ? 17 B3Y A HB1  1 
HETATM 289 H HB2  . B3Y A 1 18 ? 0.770   -0.781 2.542   1.00 25.85 ? 17 B3Y A HB2  1 
HETATM 290 H HA   . B3Y A 1 18 ? -0.463  -2.931 0.814   1.00 25.94 ? 17 B3Y A HA   1 
HETATM 291 H H    . B3Y A 1 18 ? 2.158   -1.781 0.919   1.00 26.11 ? 17 B3Y A H    1 
HETATM 292 H HG2  . B3Y A 1 18 ? 1.804   -3.242 2.836   1.00 25.77 ? 17 B3Y A HG2  1 
HETATM 293 H HG3  . B3Y A 1 18 ? 0.199   -3.950 2.998   1.00 25.77 ? 17 B3Y A HG3  1 
HETATM 294 H HE2  . B3Y A 1 18 ? -0.548  -5.726 1.402   1.00 24.98 ? 17 B3Y A HE2  1 
HETATM 295 H HF2  . B3Y A 1 18 ? 0.157   -7.699 0.112   1.00 24.92 ? 17 B3Y A HF2  1 
HETATM 296 H HOH  . B3Y A 1 18 ? 3.537   -8.133 -0.888  0.00 25.49 ? 17 B3Y A HOH  1 
HETATM 297 H HF1  . B3Y A 1 18 ? 4.160   -6.235 0.103   1.00 24.94 ? 17 B3Y A HF1  1 
HETATM 298 H HE1  . B3Y A 1 18 ? 3.463   -4.260 1.397   1.00 25.26 ? 17 B3Y A HE1  1 
ATOM   299 N N    . HIS A 1 19 ? -0.768  0.780  1.278   1.00 27.21 ? 18 HIS A N    1 
ATOM   300 C CA   . HIS A 1 19 ? -1.695  1.752  0.656   1.00 28.25 ? 18 HIS A CA   1 
ATOM   301 C C    . HIS A 1 19 ? -2.275  1.562  -0.745  1.00 28.53 ? 18 HIS A C    1 
ATOM   302 O O    . HIS A 1 19 ? -3.460  1.825  -0.964  1.00 28.69 ? 18 HIS A O    1 
ATOM   303 C CB   . HIS A 1 19 ? -1.075  3.142  0.663   1.00 28.39 ? 18 HIS A CB   1 
ATOM   304 C CG   . HIS A 1 19 ? -0.708  3.640  2.017   1.00 29.58 ? 18 HIS A CG   1 
ATOM   305 N ND1  . HIS A 1 19 ? -1.478  3.400  3.134   1.00 33.04 ? 18 HIS A ND1  1 
ATOM   306 C CD2  . HIS A 1 19 ? 0.338   4.395  2.435   1.00 31.31 ? 18 HIS A CD2  1 
ATOM   307 C CE1  . HIS A 1 19 ? -0.910  3.962  4.188   1.00 31.46 ? 18 HIS A CE1  1 
ATOM   308 N NE2  . HIS A 1 19 ? 0.186   4.581  3.791   1.00 32.19 ? 18 HIS A NE2  1 
ATOM   309 H H    . HIS A 1 19 ? 0.023   1.091  1.411   1.00 27.22 ? 18 HIS A H    1 
ATOM   310 H HA   . HIS A 1 19 ? -2.473  1.803  1.250   1.00 28.17 ? 18 HIS A HA   1 
ATOM   311 H HB2  . HIS A 1 19 ? -0.268  3.124  0.126   1.00 28.50 ? 18 HIS A HB2  1 
ATOM   312 H HB3  . HIS A 1 19 ? -1.708  3.771  0.284   1.00 28.50 ? 18 HIS A HB3  1 
ATOM   313 H HD1  . HIS A 1 19 ? -2.221  2.963  3.144   0.00 32.66 ? 18 HIS A HD1  1 
ATOM   314 H HD2  . HIS A 1 19 ? 1.031   4.720  1.909   1.00 31.16 ? 18 HIS A HD2  1 
ATOM   315 H HE1  . HIS A 1 19 ? -1.237  3.940  5.057   1.00 32.05 ? 18 HIS A HE1  1 
ATOM   316 H HE2  . HIS A 1 19 ? 0.725   5.015  4.300   0.00 31.84 ? 18 HIS A HE2  1 
HETATM 317 C C    . BIL A 1 20 ? -2.951  -1.406 -2.839  1.00 29.42 ? 19 BIL A C    1 
HETATM 318 O O    . BIL A 1 20 ? -4.087  -1.158 -3.187  1.00 29.38 ? 19 BIL A O    1 
HETATM 319 C CA   . BIL A 1 20 ? -1.799  -0.574 -3.328  1.00 28.98 ? 19 BIL A CA   1 
HETATM 320 C CB   . BIL A 1 20 ? -1.892  0.900  -3.021  1.00 28.68 ? 19 BIL A CB   1 
HETATM 321 N N    . BIL A 1 20 ? -1.463  1.120  -1.660  1.00 28.56 ? 19 BIL A N    1 
HETATM 322 C CG   . BIL A 1 20 ? -0.919  1.664  -3.909  1.00 29.41 ? 19 BIL A CG   1 
HETATM 323 C CD2  . BIL A 1 20 ? -1.327  1.694  -5.393  1.00 31.06 ? 19 BIL A CD2  1 
HETATM 324 C CD1  . BIL A 1 20 ? -0.776  3.088  -3.432  1.00 31.31 ? 19 BIL A CD1  1 
HETATM 325 C CE1  . BIL A 1 20 ? 0.272   3.725  -4.306  1.00 34.94 ? 19 BIL A CE1  1 
HETATM 326 H HA   . BIL A 1 20 ? -0.866  -0.951 -2.915  1.00 29.16 ? 19 BIL A HA   1 
HETATM 327 H HAA  . BIL A 1 20 ? -1.734  -0.706 -4.409  1.00 29.16 ? 19 BIL A HAA  1 
HETATM 328 H HB   . BIL A 1 20 ? -2.913  1.258  -3.202  1.00 28.85 ? 19 BIL A HB   1 
HETATM 329 H H    . BIL A 1 20 ? -0.506  0.916  -1.450  1.00 28.63 ? 19 BIL A H    1 
HETATM 330 H HG   . BIL A 1 20 ? 0.064   1.180  -3.835  1.00 29.99 ? 19 BIL A HG   1 
HETATM 331 H H3D2 . BIL A 1 20 ? -0.565  1.247  -5.980  0.00 30.91 ? 19 BIL A H3D2 1 
HETATM 332 H H2D2 . BIL A 1 20 ? -2.232  1.171  -5.523  0.00 30.91 ? 19 BIL A H2D2 1 
HETATM 333 H H1D2 . BIL A 1 20 ? -1.454  2.706  -5.700  0.00 30.91 ? 19 BIL A H1D2 1 
HETATM 334 H H1D1 . BIL A 1 20 ? -0.452  3.128  -2.391  1.00 31.77 ? 19 BIL A H1D1 1 
HETATM 335 H H2D1 . BIL A 1 20 ? -1.726  3.619  -3.527  1.00 31.77 ? 19 BIL A H2D1 1 
HETATM 336 H H3E1 . BIL A 1 20 ? 0.637   3.005  -5.005  0.00 34.76 ? 19 BIL A H3E1 1 
HETATM 337 H H2E1 . BIL A 1 20 ? -0.127  4.545  -4.816  0.00 34.76 ? 19 BIL A H2E1 1 
HETATM 338 H H1E1 . BIL A 1 20 ? 1.096   4.041  -3.699  0.00 34.76 ? 19 BIL A H1E1 1 
ATOM   339 N N    . GLU A 1 21 ? -2.649  -2.396 -2.027  1.00 29.60 ? 20 GLU A N    1 
ATOM   340 C CA   . GLU A 1 21 ? -3.658  -3.286 -1.475  1.00 30.90 ? 20 GLU A CA   1 
ATOM   341 C C    . GLU A 1 21 ? -4.917  -2.709 -0.845  1.00 30.16 ? 20 GLU A C    1 
ATOM   342 O O    . GLU A 1 21 ? -6.045  -3.148 -1.150  1.00 29.03 ? 20 GLU A O    1 
ATOM   343 C CB   . GLU A 1 21 ? -3.015  -4.208 -0.451  1.00 31.98 ? 20 GLU A CB   1 
ATOM   344 C CG   . GLU A 1 21 ? -3.814  -5.479 -0.203  1.00 36.75 ? 20 GLU A CG   1 
ATOM   345 C CD   . GLU A 1 21 ? -3.367  -6.165 1.052   1.00 43.57 ? 20 GLU A CD   1 
ATOM   346 O OE1  . GLU A 1 21 ? -3.226  -7.418 1.045   1.00 48.33 ? 20 GLU A OE1  1 
ATOM   347 O OE2  . GLU A 1 21 ? -3.145  -5.430 2.053   1.00 48.14 ? 20 GLU A OE2  1 
ATOM   348 H H    . GLU A 1 21 ? -1.848  -2.580 -1.776  1.00 29.95 ? 20 GLU A H    1 
ATOM   349 H HA   . GLU A 1 21 ? -3.963  -3.859 -2.209  1.00 30.75 ? 20 GLU A HA   1 
ATOM   350 H HB2  . GLU A 1 21 ? -2.139  -4.478 -0.770  1.00 31.95 ? 20 GLU A HB2  1 
ATOM   351 H HB3  . GLU A 1 21 ? -2.925  -3.725 0.386   1.00 31.95 ? 20 GLU A HB3  1 
ATOM   352 H HG2  . GLU A 1 21 ? -4.755  -5.268 -0.109  1.00 37.29 ? 20 GLU A HG2  1 
ATOM   353 H HG3  . GLU A 1 21 ? -3.680  -6.087 -0.947  1.00 37.29 ? 20 GLU A HG3  1 
HETATM 354 N N    . XCP A 1 22 ? -4.729  -1.738 0.026   1.00 29.45 ? 21 XCP A N    1 
HETATM 355 C CB   . XCP A 1 22 ? -5.873  -1.110 0.695   1.00 29.61 ? 21 XCP A CB   1 
HETATM 356 C CG   . XCP A 1 22 ? -5.705  -1.205 2.209   1.00 30.16 ? 21 XCP A CG   1 
HETATM 357 C CD   . XCP A 1 22 ? -6.766  -0.251 2.737   1.00 30.41 ? 21 XCP A CD   1 
HETATM 358 C CE   . XCP A 1 22 ? -6.810  0.884  1.723   1.00 29.30 ? 21 XCP A CE   1 
HETATM 359 C CA   . XCP A 1 22 ? -6.058  0.387  0.477   1.00 29.60 ? 21 XCP A CA   1 
HETATM 360 C C    . XCP A 1 22 ? -6.845  0.670  -0.782  1.00 29.19 ? 21 XCP A C    1 
HETATM 361 O O    . XCP A 1 22 ? -8.032  0.493  -0.803  1.00 29.28 ? 21 XCP A O    1 
HETATM 362 H H    . XCP A 1 22 ? -3.945  -1.455 0.219   1.00 29.73 ? 21 XCP A H    1 
HETATM 363 H HB   . XCP A 1 22 ? -6.702  -1.568 0.449   1.00 29.63 ? 21 XCP A HB   1 
HETATM 364 H HG   . XCP A 1 22 ? -4.810  -0.908 2.477   1.00 30.14 ? 21 XCP A HG   1 
HETATM 365 H HGA  . XCP A 1 22 ? -5.877  -2.118 2.519   1.00 30.14 ? 21 XCP A HGA  1 
HETATM 366 H HD   . XCP A 1 22 ? -6.508  0.090  3.620   1.00 30.15 ? 21 XCP A HD   1 
HETATM 367 H HDA  . XCP A 1 22 ? -7.635  -0.701 2.784   1.00 30.15 ? 21 XCP A HDA  1 
HETATM 368 H HE   . XCP A 1 22 ? -6.359  1.674  2.089   1.00 29.67 ? 21 XCP A HE   1 
HETATM 369 H HEA  . XCP A 1 22 ? -7.742  1.104  1.514   1.00 29.67 ? 21 XCP A HEA  1 
HETATM 370 H HA   . XCP A 1 22 ? -5.184  0.822  0.436   1.00 29.50 ? 21 XCP A HA   1 
ATOM   371 N N    . GLU A 1 23 ? -6.172  1.103  -1.814  1.00 29.65 ? 22 GLU A N    1 
ATOM   372 C CA   . GLU A 1 23 ? -6.825  1.406  -3.071  1.00 29.40 ? 22 GLU A CA   1 
ATOM   373 C C    . GLU A 1 23 ? -7.564  0.267  -3.693  1.00 28.54 ? 22 GLU A C    1 
ATOM   374 O O    . GLU A 1 23 ? -8.629  0.472  -4.205  1.00 28.00 ? 22 GLU A O    1 
ATOM   375 C CB   . GLU A 1 23 ? -5.831  1.884  -4.106  1.00 30.10 ? 22 GLU A CB   1 
ATOM   376 C CG   . GLU A 1 23 ? -5.494  3.319  -4.115  1.00 32.13 ? 22 GLU A CG   1 
ATOM   377 C CD   . GLU A 1 23 ? -6.660  4.233  -3.885  1.00 34.75 ? 22 GLU A CD   1 
ATOM   378 O OE1  . GLU A 1 23 ? -7.462  4.479  -4.794  1.00 37.73 ? 22 GLU A OE1  1 
ATOM   379 O OE2  . GLU A 1 23 ? -6.753  4.756  -2.778  1.00 37.43 ? 22 GLU A OE2  1 
ATOM   380 H H    . GLU A 1 23 ? -5.323  1.234  -1.814  1.00 29.51 ? 22 GLU A H    1 
ATOM   381 H HA   . GLU A 1 23 ? -7.478  2.117  -2.909  1.00 29.47 ? 22 GLU A HA   1 
ATOM   382 H HB2  . GLU A 1 23 ? -5.004  1.394  -3.990  1.00 29.97 ? 22 GLU A HB2  1 
ATOM   383 H HB3  . GLU A 1 23 ? -6.189  1.687  -4.985  1.00 29.97 ? 22 GLU A HB3  1 
ATOM   384 H HG2  . GLU A 1 23 ? -4.840  3.487  -3.418  1.00 32.33 ? 22 GLU A HG2  1 
ATOM   385 H HG3  . GLU A 1 23 ? -5.113  3.541  -4.979  1.00 32.33 ? 22 GLU A HG3  1 
ATOM   386 N N    . LEU A 1 24 ? -6.964  -0.910 -3.725  1.00 28.46 ? 23 LEU A N    1 
ATOM   387 C CA   . LEU A 1 24 ? -7.531  -2.030 -4.466  1.00 28.64 ? 23 LEU A CA   1 
ATOM   388 C C    . LEU A 1 24 ? -8.727  -2.643 -3.751  1.00 29.67 ? 23 LEU A C    1 
ATOM   389 O O    . LEU A 1 24 ? -9.582  -3.268 -4.366  1.00 28.85 ? 23 LEU A O    1 
ATOM   390 C CB   . LEU A 1 24 ? -6.481  -3.097 -4.741  1.00 28.22 ? 23 LEU A CB   1 
ATOM   391 C CG   . LEU A 1 24 ? -5.425  -2.767 -5.813  1.00 28.39 ? 23 LEU A CG   1 
ATOM   392 C CD1  . LEU A 1 24 ? -4.233  -3.749 -5.704  1.00 27.24 ? 23 LEU A CD1  1 
ATOM   393 C CD2  . LEU A 1 24 ? -6.045  -2.821 -7.193  1.00 27.60 ? 23 LEU A CD2  1 
ATOM   394 H H    . LEU A 1 24 ? -6.223  -1.087 -3.324  1.00 28.58 ? 23 LEU A H    1 
ATOM   395 H HA   . LEU A 1 24 ? -7.847  -1.704 -5.335  1.00 28.78 ? 23 LEU A HA   1 
ATOM   396 H HB2  . LEU A 1 24 ? -6.007  -3.280 -3.915  1.00 28.55 ? 23 LEU A HB2  1 
ATOM   397 H HB3  . LEU A 1 24 ? -6.935  -3.903 -5.031  1.00 28.55 ? 23 LEU A HB3  1 
ATOM   398 H HG   . LEU A 1 24 ? -5.091  -1.871 -5.660  1.00 28.03 ? 23 LEU A HG   1 
ATOM   399 H HD11 . LEU A 1 24 ? -3.848  -3.695 -4.831  0.00 26.89 ? 23 LEU A HD11 1 
ATOM   400 H HD12 . LEU A 1 24 ? -3.591  -3.553 -6.374  0.00 26.89 ? 23 LEU A HD12 1 
ATOM   401 H HD13 . LEU A 1 24 ? -4.571  -4.661 -5.839  0.00 26.89 ? 23 LEU A HD13 1 
ATOM   402 H HD21 . LEU A 1 24 ? -6.752  -2.168 -7.234  0.00 27.39 ? 23 LEU A HD21 1 
ATOM   403 H HD22 . LEU A 1 24 ? -6.396  -3.696 -7.349  0.00 27.39 ? 23 LEU A HD22 1 
ATOM   404 H HD23 . LEU A 1 24 ? -5.371  -2.611 -7.843  0.00 27.39 ? 23 LEU A HD23 1 
HETATM 405 N N    . XCP A 1 25 ? -8.775  -2.456 -2.454  1.00 30.77 ? 24 XCP A N    1 
HETATM 406 C CB   . XCP A 1 25 ? -9.870  -2.993 -1.645  1.00 31.67 ? 24 XCP A CB   1 
HETATM 407 C CG   . XCP A 1 25 ? -9.432  -4.095 -0.668  1.00 32.40 ? 24 XCP A CG   1 
HETATM 408 C CD   . XCP A 1 25 ? -10.085 -3.776 0.686   1.00 33.39 ? 24 XCP A CD   1 
HETATM 409 C CE   . XCP A 1 25 ? -11.092 -2.657 0.401   1.00 32.93 ? 24 XCP A CE   1 
HETATM 410 C CA   . XCP A 1 25 ? -10.383 -1.882 -0.723  1.00 32.50 ? 24 XCP A CA   1 
HETATM 411 C C    . XCP A 1 25 ? -11.315 -0.901 -1.380  1.00 32.49 ? 24 XCP A C    1 
HETATM 412 O O    . XCP A 1 25 ? -12.454 -1.198 -1.589  1.00 32.70 ? 24 XCP A O    1 
HETATM 413 H H    . XCP A 1 25 ? -8.169  -2.016 -2.034  1.00 30.76 ? 24 XCP A H    1 
HETATM 414 H HB   . XCP A 1 25 ? -10.603 -3.314 -2.209  1.00 31.75 ? 24 XCP A HB   1 
HETATM 415 H HG   . XCP A 1 25 ? -8.456  -4.096 -0.578  1.00 32.52 ? 24 XCP A HG   1 
HETATM 416 H HGA  . XCP A 1 25 ? -9.739  -4.968 -0.991  1.00 32.52 ? 24 XCP A HGA  1 
HETATM 417 H HD   . XCP A 1 25 ? -9.409  -3.469 1.325   1.00 33.11 ? 24 XCP A HD   1 
HETATM 418 H HDA  . XCP A 1 25 ? -10.547 -4.567 1.035   1.00 33.11 ? 24 XCP A HDA  1 
HETATM 419 H HE   . XCP A 1 25 ? -11.219 -2.091 1.191   1.00 32.78 ? 24 XCP A HE   1 
HETATM 420 H HEA  . XCP A 1 25 ? -11.944 -3.031 0.094   1.00 32.78 ? 24 XCP A HEA  1 
HETATM 421 H HA   . XCP A 1 25 ? -9.621  -1.404 -0.337  1.00 32.46 ? 24 XCP A HA   1 
ATOM   422 N N    . ARG A 1 26 ? -10.826 0.266  -1.699  1.00 32.81 ? 25 ARG A N    1 
ATOM   423 C CA   . ARG A 1 26 ? -11.661 1.270  -2.336  1.00 33.26 ? 25 ARG A CA   1 
ATOM   424 C C    . ARG A 1 26 ? -12.222 0.997  -3.731  1.00 32.80 ? 25 ARG A C    1 
ATOM   425 O O    . ARG A 1 26 ? -13.381 1.332  -3.971  1.00 32.54 ? 25 ARG A O    1 
ATOM   426 C CB   . ARG A 1 26 ? -10.916 2.603  -2.382  1.00 33.52 ? 25 ARG A CB   1 
ATOM   427 C CG   . ARG A 1 26 ? -10.473 3.073  -1.029  1.00 36.10 ? 25 ARG A CG   1 
ATOM   428 C CD   . ARG A 1 26 ? -10.020 4.471  -1.019  1.00 40.68 ? 25 ARG A CD   1 
ATOM   429 N NE   . ARG A 1 26 ? -9.539  4.793  0.320   1.00 46.40 ? 25 ARG A NE   1 
ATOM   430 C CZ   . ARG A 1 26 ? -8.286  4.609  0.754   1.00 50.43 ? 25 ARG A CZ   1 
ATOM   431 N NH1  . ARG A 1 26 ? -7.970  4.929  2.007   1.00 52.64 ? 25 ARG A NH1  1 
ATOM   432 N NH2  . ARG A 1 26 ? -7.336  4.120  -0.042  1.00 50.83 ? 25 ARG A NH2  1 
ATOM   433 H H    . ARG A 1 26 ? -10.013 0.504  -1.559  1.00 32.89 ? 25 ARG A H    1 
ATOM   434 H HA   . ARG A 1 26 ? -12.436 1.415  -1.752  1.00 33.17 ? 25 ARG A HA   1 
ATOM   435 H HB2  . ARG A 1 26 ? -10.126 2.505  -2.937  1.00 33.73 ? 25 ARG A HB2  1 
ATOM   436 H HB3  . ARG A 1 26 ? -11.501 3.281  -2.756  1.00 33.73 ? 25 ARG A HB3  1 
ATOM   437 H HG2  . ARG A 1 26 ? -11.218 2.996  -0.411  1.00 36.63 ? 25 ARG A HG2  1 
ATOM   438 H HG3  . ARG A 1 26 ? -9.734  2.527  -0.724  1.00 36.63 ? 25 ARG A HG3  1 
ATOM   439 H HD2  . ARG A 1 26 ? -9.313  4.601  -1.668  1.00 41.01 ? 25 ARG A HD2  1 
ATOM   440 H HD3  . ARG A 1 26 ? -10.771 5.053  -1.221  1.00 41.01 ? 25 ARG A HD3  1 
ATOM   441 H HE   . ARG A 1 26 ? -10.218 4.872  1.006   1.00 46.05 ? 25 ARG A HE   1 
ATOM   442 H HH11 . ARG A 1 26 ? -8.568  5.254  2.534   1.00 52.02 ? 25 ARG A HH11 1 
ATOM   443 H HH12 . ARG A 1 26 ? -7.166  4.821  2.292   1.00 52.02 ? 25 ARG A HH12 1 
ATOM   444 H HH21 . ARG A 1 26 ? -6.548  4.009  0.265   1.00 50.77 ? 25 ARG A HH21 1 
ATOM   445 H HH22 . ARG A 1 26 ? -7.511  3.891  -0.847  1.00 50.77 ? 25 ARG A HH22 1 
HETATM 446 C C    . BIL A 1 27 ? -12.930 -2.194 -5.716  1.00 32.70 ? 26 BIL A C    1 
HETATM 447 O O    . BIL A 1 27 ? -14.060 -1.926 -6.063  1.00 32.38 ? 26 BIL A O    1 
HETATM 448 C CA   . BIL A 1 27 ? -11.752 -1.394 -6.205  1.00 32.03 ? 26 BIL A CA   1 
HETATM 449 C CB   . BIL A 1 27 ? -11.824 0.091  -5.975  1.00 31.96 ? 26 BIL A CB   1 
HETATM 450 N N    . BIL A 1 27 ? -11.412 0.406  -4.611  1.00 32.08 ? 26 BIL A N    1 
HETATM 451 C CG   . BIL A 1 27 ? -10.858 0.854  -6.902  1.00 30.61 ? 26 BIL A CG   1 
HETATM 452 C CD2  . BIL A 1 27 ? -11.228 0.792  -8.385  1.00 27.04 ? 26 BIL A CD2  1 
HETATM 453 C CD1  . BIL A 1 27 ? -10.737 2.312  -6.435  1.00 29.92 ? 26 BIL A CD1  1 
HETATM 454 C CE1  . BIL A 1 27 ? -9.770  3.180  -7.213  1.00 29.74 ? 26 BIL A CE1  1 
HETATM 455 H HA   . BIL A 1 27 ? -10.841 -1.761 -5.735  1.00 32.30 ? 26 BIL A HA   1 
HETATM 456 H HAA  . BIL A 1 27 ? -11.646 -1.581 -7.275  1.00 32.30 ? 26 BIL A HAA  1 
HETATM 457 H HB   . BIL A 1 27 ? -12.847 0.435  -6.175  1.00 31.98 ? 26 BIL A HB   1 
HETATM 458 H H    . BIL A 1 27 ? -10.475 0.155  -4.360  1.00 32.28 ? 26 BIL A H    1 
HETATM 459 H HG   . BIL A 1 27 ? -9.867  0.393  -6.794  1.00 30.11 ? 26 BIL A HG   1 
HETATM 460 H H3D2 . BIL A 1 27 ? -10.421 0.335  -8.918  0.00 26.92 ? 26 BIL A H3D2 1 
HETATM 461 H H2D2 . BIL A 1 27 ? -12.096 0.209  -8.507  0.00 26.92 ? 26 BIL A H2D2 1 
HETATM 462 H H1D2 . BIL A 1 27 ? -11.381 1.765  -8.751  0.00 26.92 ? 26 BIL A H1D2 1 
HETATM 463 H H1D1 . BIL A 1 27 ? -10.411 2.333  -5.394  1.00 30.10 ? 26 BIL A H1D1 1 
HETATM 464 H H2D1 . BIL A 1 27 ? -11.726 2.774  -6.472  1.00 30.10 ? 26 BIL A H2D1 1 
HETATM 465 H H3E1 . BIL A 1 27 ? -9.322  2.599  -7.980  0.00 29.64 ? 26 BIL A H3E1 1 
HETATM 466 H H2E1 . BIL A 1 27 ? -10.295 3.991  -7.646  0.00 29.64 ? 26 BIL A H2E1 1 
HETATM 467 H H1E1 . BIL A 1 27 ? -9.021  3.543  -6.563  0.00 29.64 ? 26 BIL A H1E1 1 
ATOM   468 N N    . LYS A 1 28 ? -12.639 -3.191 -4.893  1.00 33.19 ? 27 LYS A N    1 
ATOM   469 C CA   . LYS A 1 28 ? -13.637 -4.085 -4.309  1.00 33.98 ? 27 LYS A CA   1 
ATOM   470 C C    . LYS A 1 28 ? -14.824 -3.439 -3.625  1.00 34.51 ? 27 LYS A C    1 
ATOM   471 O O    . LYS A 1 28 ? -15.966 -3.841 -3.837  1.00 34.98 ? 27 LYS A O    1 
ATOM   472 C CB   . LYS A 1 28 ? -12.963 -5.034 -3.306  1.00 34.06 ? 27 LYS A CB   1 
ATOM   473 C CG   . LYS A 1 28 ? -11.997 -6.048 -3.929  1.00 35.10 ? 27 LYS A CG   1 
ATOM   474 H H    . LYS A 1 28 ? -11.836 -3.377 -4.649  1.00 33.32 ? 27 LYS A H    1 
ATOM   475 H HA   . LYS A 1 28 ? -13.995 -4.642 -5.031  1.00 33.99 ? 27 LYS A HA   1 
ATOM   476 H HB2  . LYS A 1 28 ? -12.466 -4.507 -2.662  1.00 34.19 ? 27 LYS A HB2  1 
ATOM   477 H HB3  . LYS A 1 28 ? -13.652 -5.540 -2.845  1.00 34.19 ? 27 LYS A HB3  1 
ATOM   478 H HG2  . LYS A 1 28 ? -12.490 -6.611 -4.541  0.00 34.83 ? 27 LYS A HG2  1 
ATOM   479 H HG3  . LYS A 1 28 ? -11.283 -5.571 -4.367  0.00 34.83 ? 27 LYS A HG3  1 
HETATM 480 N N    . XPC A 1 29 ? -14.557 -2.451 -2.814  1.00 35.10 ? 28 XPC A N    1 
HETATM 481 C CB   . XPC A 1 29 ? -15.633 -1.758 -2.104  1.00 35.72 ? 28 XPC A CB   1 
HETATM 482 C CG   . XPC A 1 29 ? -15.412 -1.909 -0.583  1.00 35.71 ? 28 XPC A CG   1 
HETATM 483 N ND   . XPC A 1 29 ? -15.832 -0.584 0.053   1.00 36.21 ? 28 XPC A ND   1 
HETATM 484 C CE   . XPC A 1 29 ? -16.383 0.303  -1.074  1.00 37.17 ? 28 XPC A CE   1 
HETATM 485 C CA   . XPC A 1 29 ? -15.753 -0.253 -2.365  1.00 36.52 ? 28 XPC A CA   1 
HETATM 486 C C    . XPC A 1 29 ? -16.632 0.011  -3.573  1.00 37.36 ? 28 XPC A C    1 
HETATM 487 O O    . XPC A 1 29 ? -17.820 -0.187 -3.499  1.00 36.64 ? 28 XPC A O    1 
HETATM 488 H H    . XPC A 1 29 ? -13.755 -2.190 -2.684  1.00 35.16 ? 28 XPC A H    1 
HETATM 489 H HB   . XPC A 1 29 ? -16.492 -2.175 -2.319  1.00 35.83 ? 28 XPC A HB   1 
HETATM 490 H HG   . XPC A 1 29 ? -14.471 -2.094 -0.387  1.00 35.89 ? 28 XPC A HG   1 
HETATM 491 H HGA  . XPC A 1 29 ? -15.972 -2.635 -0.237  1.00 35.89 ? 28 XPC A HGA  1 
HETATM 492 H HND  . XPC A 1 29 ? -16.526 -0.736 0.726   1.00 36.37 ? 28 XPC A HND  1 
HETATM 493 H HE   . XPC A 1 29 ? -17.361 0.237  -1.101  1.00 36.71 ? 28 XPC A HE   1 
HETATM 494 H HEA  . XPC A 1 29 ? -16.109 1.234  -0.938  1.00 36.71 ? 28 XPC A HEA  1 
HETATM 495 H HA   . XPC A 1 29 ? -14.865 0.135  -2.490  1.00 36.71 ? 28 XPC A HA   1 
HETATM 496 H HD1  . XPC A 1 29 ? -15.060 -0.157 0.467   1.00 36.37 ? 28 XPC A HD1  1 
ATOM   497 N N    . LEU A 1 30 ? -16.032 0.453  -4.660  1.00 38.18 ? 29 LEU A N    1 
ATOM   498 C CA   . LEU A 1 30 ? -16.763 0.742  -5.878  1.00 39.39 ? 29 LEU A CA   1 
ATOM   499 C C    . LEU A 1 30 ? -17.648 -0.428 -6.305  1.00 41.18 ? 29 LEU A C    1 
ATOM   500 O O    . LEU A 1 30 ? -18.821 -0.239 -6.598  1.00 41.27 ? 29 LEU A O    1 
ATOM   501 C CB   . LEU A 1 30 ? -15.789 1.095  -7.004  1.00 38.79 ? 29 LEU A CB   1 
ATOM   502 C CG   . LEU A 1 30 ? -16.390 1.561  -8.331  1.00 37.88 ? 29 LEU A CG   1 
ATOM   503 C CD1  . LEU A 1 30 ? -17.163 2.831  -8.143  1.00 37.04 ? 29 LEU A CD1  1 
ATOM   504 C CD2  . LEU A 1 30 ? -15.310 1.768  -9.351  1.00 34.93 ? 29 LEU A CD2  1 
ATOM   505 H H    . LEU A 1 30 ? -15.186 0.597  -4.718  1.00 38.33 ? 29 LEU A H    1 
ATOM   506 H HA   . LEU A 1 30 ? -17.343 1.516  -5.719  1.00 39.44 ? 29 LEU A HA   1 
ATOM   507 H HB2  . LEU A 1 30 ? -15.211 1.809  -6.692  1.00 39.10 ? 29 LEU A HB2  1 
ATOM   508 H HB3  . LEU A 1 30 ? -15.252 0.310  -7.194  1.00 39.10 ? 29 LEU A HB3  1 
ATOM   509 H HG   . LEU A 1 30 ? -16.996 0.884  -8.670  1.00 37.38 ? 29 LEU A HG   1 
ATOM   510 H HD11 . LEU A 1 30 ? -16.558 3.511  -7.807  0.00 36.54 ? 29 LEU A HD11 1 
ATOM   511 H HD12 . LEU A 1 30 ? -17.862 2.685  -7.509  0.00 36.54 ? 29 LEU A HD12 1 
ATOM   512 H HD13 . LEU A 1 30 ? -17.523 3.110  -8.982  0.00 36.54 ? 29 LEU A HD13 1 
ATOM   513 H HD21 . LEU A 1 30 ? -14.697 2.431  -9.031  0.00 34.39 ? 29 LEU A HD21 1 
ATOM   514 H HD22 . LEU A 1 30 ? -15.707 2.058  -10.175 0.00 34.39 ? 29 LEU A HD22 1 
ATOM   515 H HD23 . LEU A 1 30 ? -14.849 0.933  -9.486  0.00 34.39 ? 29 LEU A HD23 1 
ATOM   516 N N    . LEU A 1 31 ? -17.094 -1.632 -6.303  1.00 43.31 ? 30 LEU A N    1 
ATOM   517 C CA   . LEU A 1 31 ? -17.746 -2.756 -6.926  1.00 45.68 ? 30 LEU A CA   1 
ATOM   518 C C    . LEU A 1 31 ? -18.796 -3.374 -6.029  1.00 48.61 ? 30 LEU A C    1 
ATOM   519 O O    . LEU A 1 31 ? -19.523 -4.271 -6.452  1.00 49.11 ? 30 LEU A O    1 
ATOM   520 C CB   . LEU A 1 31 ? -16.720 -3.826 -7.335  1.00 45.44 ? 30 LEU A CB   1 
ATOM   521 C CG   . LEU A 1 31 ? -15.657 -3.513 -8.410  1.00 44.48 ? 30 LEU A CG   1 
ATOM   522 C CD1  . LEU A 1 31 ? -15.199 -4.807 -9.050  1.00 42.89 ? 30 LEU A CD1  1 
ATOM   523 C CD2  . LEU A 1 31 ? -16.134 -2.558 -9.468  1.00 42.13 ? 30 LEU A CD2  1 
ATOM   524 H H    . LEU A 1 31 ? -16.337 -1.818 -5.941  1.00 43.43 ? 30 LEU A H    1 
ATOM   525 H HA   . LEU A 1 31 ? -18.202 -2.455 -7.741  1.00 45.80 ? 30 LEU A HA   1 
ATOM   526 H HB2  . LEU A 1 31 ? -16.235 -4.085 -6.538  1.00 45.53 ? 30 LEU A HB2  1 
ATOM   527 H HB3  . LEU A 1 31 ? -17.216 -4.594 -7.660  1.00 45.53 ? 30 LEU A HB3  1 
ATOM   528 H HG   . LEU A 1 31 ? -14.887 -3.114 -7.983  1.00 43.96 ? 30 LEU A HG   1 
ATOM   529 H HD11 . LEU A 1 31 ? -14.834 -5.367 -8.399  0.00 42.56 ? 30 LEU A HD11 1 
ATOM   530 H HD12 . LEU A 1 31 ? -14.553 -4.591 -9.736  0.00 42.56 ? 30 LEU A HD12 1 
ATOM   531 H HD13 . LEU A 1 31 ? -15.972 -5.219 -9.475  0.00 42.56 ? 30 LEU A HD13 1 
ATOM   532 H HD21 . LEU A 1 31 ? -16.379 -1.712 -9.040  0.00 41.86 ? 30 LEU A HD21 1 
ATOM   533 H HD22 . LEU A 1 31 ? -16.901 -2.914 -9.911  0.00 41.86 ? 30 LEU A HD22 1 
ATOM   534 H HD23 . LEU A 1 31 ? -15.431 -2.391 -10.096 0.00 41.86 ? 30 LEU A HD23 1 
HETATM 535 N N    . XCP A 1 32 ? -18.880 -2.902 -4.800  1.00 52.83 ? 31 XCP A N    1 
HETATM 536 C CB   . XCP A 1 32 ? -19.862 -3.433 -3.855  1.00 56.26 ? 31 XCP A CB   1 
HETATM 537 C CG   . XCP A 1 32 ? -19.575 -4.903 -3.520  1.00 57.24 ? 31 XCP A CG   1 
HETATM 538 C CD   . XCP A 1 32 ? -19.153 -4.914 -2.047  1.00 58.82 ? 31 XCP A CD   1 
HETATM 539 C CE   . XCP A 1 32 ? -19.969 -3.777 -1.421  1.00 59.43 ? 31 XCP A CE   1 
HETATM 540 C CA   . XCP A 1 32 ? -19.888 -2.689 -2.493  1.00 58.96 ? 31 XCP A CA   1 
HETATM 541 C C    . XCP A 1 32 ? -21.091 -1.801 -2.599  1.00 61.68 ? 31 XCP A C    1 
HETATM 542 O O    . XCP A 1 32 ? -22.155 -2.143 -2.133  1.00 62.11 ? 31 XCP A O    1 
HETATM 543 H H    . XCP A 1 32 ? -18.386 -2.232 -4.579  0.00 52.63 ? 31 XCP A H    1 
HETATM 544 H HB   . XCP A 1 32 ? -20.749 -3.381 -4.269  1.00 56.11 ? 31 XCP A HB   1 
HETATM 545 H HG   . XCP A 1 32 ? -18.850 -5.254 -4.076  1.00 57.45 ? 31 XCP A HG   1 
HETATM 546 H HGA  . XCP A 1 32 ? -20.385 -5.439 -3.642  1.00 57.45 ? 31 XCP A HGA  1 
HETATM 547 H HD   . XCP A 1 32 ? -18.193 -4.735 -1.962  1.00 58.65 ? 31 XCP A HD   1 
HETATM 548 H HDA  . XCP A 1 32 ? -19.381 -5.771 -1.630  1.00 58.65 ? 31 XCP A HDA  1 
HETATM 549 H HE   . XCP A 1 32 ? -19.558 -3.474 -0.586  1.00 59.12 ? 31 XCP A HE   1 
HETATM 550 H HEA  . XCP A 1 32 ? -20.892 -4.065 -1.270  1.00 59.12 ? 31 XCP A HEA  1 
HETATM 551 H HA   . XCP A 1 32 ? -19.075 -2.158 -2.376  1.00 59.11 ? 31 XCP A HA   1 
ATOM   552 N N    . GLU A 1 33 ? -20.896 -0.649 -3.224  1.00 64.79 ? 32 GLU A N    1 
ATOM   553 C CA   . GLU A 1 33 ? -21.964 0.320  -3.408  1.00 67.02 ? 32 GLU A CA   1 
ATOM   554 C C    . GLU A 1 33 ? -22.921 -0.319 -4.433  1.00 68.52 ? 32 GLU A C    1 
ATOM   555 O O    . GLU A 1 33 ? -24.150 -0.185 -4.302  1.00 68.83 ? 32 GLU A O    1 
ATOM   556 C CB   . GLU A 1 33 ? -21.409 1.638  -3.943  1.00 67.33 ? 32 GLU A CB   1 
ATOM   557 C CG   . GLU A 1 33 ? -20.340 2.262  -3.062  1.00 68.26 ? 32 GLU A CG   1 
ATOM   558 C CD   . GLU A 1 33 ? -19.948 3.652  -3.533  1.00 69.95 ? 32 GLU A CD   1 
ATOM   559 O OE1  . GLU A 1 33 ? -19.605 3.782  -4.736  1.00 69.62 ? 32 GLU A OE1  1 
ATOM   560 O OE2  . GLU A 1 33 ? -19.987 4.604  -2.701  1.00 71.19 ? 32 GLU A OE2  1 
ATOM   561 H H    . GLU A 1 33 ? -20.140 -0.409 -3.554  1.00 64.61 ? 32 GLU A H    1 
ATOM   562 H HA   . GLU A 1 33 ? -22.439 0.479  -2.567  1.00 66.98 ? 32 GLU A HA   1 
ATOM   563 H HB2  . GLU A 1 33 ? -21.009 1.469  -4.808  1.00 67.31 ? 32 GLU A HB2  1 
ATOM   564 H HB3  . GLU A 1 33 ? -22.135 2.274  -4.032  1.00 67.31 ? 32 GLU A HB3  1 
ATOM   565 H HG2  . GLU A 1 33 ? -20.679 2.334  -2.156  1.00 68.50 ? 32 GLU A HG2  1 
ATOM   566 H HG3  . GLU A 1 33 ? -19.544 1.712  -3.076  1.00 68.50 ? 32 GLU A HG3  1 
HETATM 567 N N    . XPC A 1 34 ? -22.331 -1.013 -5.452  1.00 70.16 ? 33 XPC A N    1 
HETATM 568 C CB   . XPC A 1 34 ? -23.124 -1.688 -6.522  1.00 71.07 ? 33 XPC A CB   1 
HETATM 569 C CG   . XPC A 1 34 ? -23.427 -0.757 -7.716  1.00 71.36 ? 33 XPC A CG   1 
HETATM 570 N ND   . XPC A 1 34 ? -23.977 -1.691 -8.809  1.00 71.44 ? 33 XPC A ND   1 
HETATM 571 C CE   . XPC A 1 34 ? -23.303 -3.058 -8.553  1.00 71.67 ? 33 XPC A CE   1 
HETATM 572 C CA   . XPC A 1 34 ? -22.494 -2.931 -7.242  1.00 71.54 ? 33 XPC A CA   1 
HETATM 573 C C    . XPC A 1 34 ? -22.550 -4.243 -6.454  1.00 72.04 ? 33 XPC A C    1 
HETATM 574 O O    . XPC A 1 34 ? -22.374 -5.317 -7.028  1.00 72.43 ? 33 XPC A O    1 
HETATM 575 H H    . XPC A 1 34 ? -21.474 -1.084 -5.509  1.00 70.02 ? 33 XPC A H    1 
HETATM 576 H HB   . XPC A 1 34 ? -23.978 -1.974 -6.135  1.00 70.98 ? 33 XPC A HB   1 
HETATM 577 H HG   . XPC A 1 34 ? -22.607 -0.319 -8.023  1.00 71.37 ? 33 XPC A HG   1 
HETATM 578 H HGA  . XPC A 1 34 ? -24.106 -0.098 -7.464  1.00 71.37 ? 33 XPC A HGA  1 
HETATM 579 H HND  . XPC A 1 34 ? -24.950 -1.771 -8.729  1.00 71.54 ? 33 XPC A HND  1 
HETATM 580 H HE   . XPC A 1 34 ? -23.990 -3.752 -8.464  1.00 71.62 ? 33 XPC A HE   1 
HETATM 581 H HEA  . XPC A 1 34 ? -22.702 -3.277 -9.294  1.00 71.62 ? 33 XPC A HEA  1 
HETATM 582 H HA   . XPC A 1 34 ? -21.559 -2.733 -7.461  1.00 71.63 ? 33 XPC A HA   1 
HETATM 583 H HD1  . XPC A 1 34 ? -23.736 -1.353 -9.697  1.00 71.54 ? 33 XPC A HD1  1 
HETATM 584 C C1   . 16A B 2 .  ? -1.137  -5.986 4.824   0.50 44.66 ? 34 16A A C1   1 
HETATM 585 C C2   . 16A B 2 .  ? -0.235  -5.047 5.636   0.50 45.09 ? 34 16A A C2   1 
HETATM 586 C C3   . 16A B 2 .  ? 1.206   -5.586 5.731   0.50 45.44 ? 34 16A A C3   1 
HETATM 587 C C4   . 16A B 2 .  ? 2.295   -4.487 5.670   0.50 44.37 ? 34 16A A C4   1 
HETATM 588 C C5   . 16A B 2 .  ? 3.658   -5.081 5.260   0.50 42.87 ? 34 16A A C5   1 
HETATM 589 C C6   . 16A B 2 .  ? 4.828   -4.219 5.733   0.50 41.90 ? 34 16A A C6   1 
HETATM 590 C C7   . 16A B 2 .  ? 5.764   -5.020 6.636   0.50 41.42 ? 34 16A A C7   1 
HETATM 591 C C8   . 16A B 2 .  ? 7.217   -4.807 6.238   0.50 41.37 ? 34 16A A C8   1 
HETATM 592 C C9   . 16A B 2 .  ? 8.092   -5.899 6.831   0.50 41.48 ? 34 16A A C9   1 
HETATM 593 C C10  . 16A B 2 .  ? 9.512   -5.409 7.098   0.50 41.95 ? 34 16A A C10  1 
HETATM 594 C C11  . 16A B 2 .  ? 10.537  -6.423 6.597   0.50 43.50 ? 34 16A A C11  1 
HETATM 595 C C12  . 16A B 2 .  ? 11.896  -6.170 7.244   0.50 45.28 ? 34 16A A C12  1 
HETATM 596 C C13  . 16A B 2 .  ? 12.996  -7.035 6.625   0.50 47.19 ? 34 16A A C13  1 
HETATM 597 C C14  . 16A B 2 .  ? 14.392  -6.683 7.183   0.50 49.47 ? 34 16A A C14  1 
HETATM 598 C C15  . 16A B 2 .  ? 15.192  -5.759 6.227   0.50 51.40 ? 34 16A A C15  1 
HETATM 599 C C16  . 16A B 2 .  ? 16.706  -5.704 6.550   0.50 51.88 ? 34 16A A C16  1 
HETATM 600 N N1   . 16A B 2 .  ? 17.392  -4.642 5.781   0.50 52.44 ? 34 16A A N1   1 
HETATM 601 C C17  . 16A B 2 .  ? 18.401  -4.010 6.647   0.50 53.18 ? 34 16A A C17  1 
HETATM 602 C C18  . 16A B 2 .  ? 18.103  -5.204 4.633   0.50 52.35 ? 34 16A A C18  1 
HETATM 603 C C19  . 16A B 2 .  ? 16.428  -3.643 5.281   0.50 52.31 ? 34 16A A C19  1 
HETATM 604 H H11  . 16A B 2 .  ? -1.465  -5.523 3.990   0.00 44.36 ? 34 16A A H11  1 
HETATM 605 H H12  . 16A B 2 .  ? -1.878  -6.331 5.347   0.00 44.36 ? 34 16A A H12  1 
HETATM 606 H H13  . 16A B 2 .  ? -0.567  -6.792 4.489   0.00 44.36 ? 34 16A A H13  1 
HETATM 607 H H21  . 16A B 2 .  ? -0.608  -4.942 6.559   0.50 45.01 ? 34 16A A H21  1 
HETATM 608 H H22  . 16A B 2 .  ? -0.324  -4.114 5.292   0.50 45.01 ? 34 16A A H22  1 
HETATM 609 H H31  . 16A B 2 .  ? 1.360   -6.259 5.007   0.50 45.38 ? 34 16A A H31  1 
HETATM 610 H H32  . 16A B 2 .  ? 1.338   -6.033 6.617   0.50 45.38 ? 34 16A A H32  1 
HETATM 611 H H41  . 16A B 2 .  ? 2.285   -3.960 6.519   0.50 44.74 ? 34 16A A H41  1 
HETATM 612 H H42  . 16A B 2 .  ? 1.958   -3.712 5.137   0.50 44.74 ? 34 16A A H42  1 
HETATM 613 H H51  . 16A B 2 .  ? 3.677   -5.219 4.270   0.50 43.38 ? 34 16A A H51  1 
HETATM 614 H H52  . 16A B 2 .  ? 3.758   -5.994 5.654   0.50 43.38 ? 34 16A A H52  1 
HETATM 615 H H61  . 16A B 2 .  ? 4.479   -3.429 6.236   0.50 42.25 ? 34 16A A H61  1 
HETATM 616 H H62  . 16A B 2 .  ? 5.341   -3.889 4.940   0.50 42.25 ? 34 16A A H62  1 
HETATM 617 H H71  . 16A B 2 .  ? 5.562   -5.995 6.545   0.50 41.61 ? 34 16A A H71  1 
HETATM 618 H H72  . 16A B 2 .  ? 5.606   -4.764 7.589   0.50 41.61 ? 34 16A A H72  1 
HETATM 619 H H81  . 16A B 2 .  ? 7.654   -4.181 6.883   0.50 41.43 ? 34 16A A H81  1 
HETATM 620 H H82  . 16A B 2 .  ? 7.282   -4.723 5.243   0.50 41.43 ? 34 16A A H82  1 
HETATM 621 H H91  . 16A B 2 .  ? 8.188   -6.644 6.171   0.50 41.49 ? 34 16A A H91  1 
HETATM 622 H H92  . 16A B 2 .  ? 7.694   -6.211 7.695   0.50 41.49 ? 34 16A A H92  1 
HETATM 623 H H101 . 16A B 2 .  ? 9.642   -5.282 8.082   0.50 41.85 ? 34 16A A H101 1 
HETATM 624 H H102 . 16A B 2 .  ? 9.561   -4.407 6.998   0.50 41.85 ? 34 16A A H102 1 
HETATM 625 H H111 . 16A B 2 .  ? 10.621  -6.349 5.604   0.50 43.07 ? 34 16A A H111 1 
HETATM 626 H H112 . 16A B 2 .  ? 10.228  -7.348 6.817   0.50 43.07 ? 34 16A A H112 1 
HETATM 627 H H121 . 16A B 2 .  ? 11.844  -6.379 8.221   0.50 44.78 ? 34 16A A H121 1 
HETATM 628 H H122 . 16A B 2 .  ? 12.142  -5.207 7.139   0.50 44.78 ? 34 16A A H122 1 
HETATM 629 H H131 . 16A B 2 .  ? 13.020  -6.886 5.636   0.50 46.65 ? 34 16A A H131 1 
HETATM 630 H H132 . 16A B 2 .  ? 12.801  -7.999 6.799   0.50 46.65 ? 34 16A A H132 1 
HETATM 631 H H141 . 16A B 2 .  ? 14.998  -7.472 7.085   0.50 48.81 ? 34 16A A H141 1 
HETATM 632 H H142 . 16A B 2 .  ? 14.295  -6.271 8.088   0.50 48.81 ? 34 16A A H142 1 
HETATM 633 H H151 . 16A B 2 .  ? 14.858  -4.821 6.315   0.50 50.85 ? 34 16A A H151 1 
HETATM 634 H H152 . 16A B 2 .  ? 14.971  -5.989 5.280   0.50 50.85 ? 34 16A A H152 1 
HETATM 635 H H161 . 16A B 2 .  ? 17.017  -6.603 6.856   0.50 51.78 ? 34 16A A H161 1 
HETATM 636 H H162 . 16A B 2 .  ? 16.832  -5.539 7.528   0.50 51.78 ? 34 16A A H162 1 
HETATM 637 H H171 . 16A B 2 .  ? 19.296  -4.140 6.279   0.00 52.47 ? 34 16A A H171 1 
HETATM 638 H H172 . 16A B 2 .  ? 18.187  -3.059 6.795   0.00 52.47 ? 34 16A A H172 1 
HETATM 639 H H173 . 16A B 2 .  ? 18.378  -4.473 7.587   0.00 52.47 ? 34 16A A H173 1 
HETATM 640 H H181 . 16A B 2 .  ? 19.063  -5.026 4.751   0.00 51.67 ? 34 16A A H181 1 
HETATM 641 H H182 . 16A B 2 .  ? 17.740  -4.780 3.827   0.00 51.67 ? 34 16A A H182 1 
HETATM 642 H H183 . 16A B 2 .  ? 17.932  -6.195 4.619   0.00 51.67 ? 34 16A A H183 1 
HETATM 643 H H191 . 16A B 2 .  ? 16.443  -3.624 4.331   0.00 51.63 ? 34 16A A H191 1 
HETATM 644 H H192 . 16A B 2 .  ? 16.656  -2.753 5.696   0.00 51.63 ? 34 16A A H192 1 
HETATM 645 H H193 . 16A B 2 .  ? 15.494  -3.899 5.632   0.00 51.63 ? 34 16A A H193 1 
HETATM 646 O O    . HOH C 3 .  ? -13.284 0.974  1.012   1.00 37.15 ? 35 HOH A O    1 
HETATM 647 O O    . HOH C 3 .  ? -9.590  -4.421 -6.852  1.00 34.15 ? 36 HOH A O    1 
HETATM 648 O O    . HOH C 3 .  ? -6.520  -5.782 -2.211  1.00 37.72 ? 37 HOH A O    1 
HETATM 649 O O    . HOH C 3 .  ? -4.517  3.958  0.281   1.00 44.79 ? 38 HOH A O    1 
HETATM 650 O O    . HOH C 3 .  ? 4.843   5.333  2.460   1.00 43.59 ? 39 HOH A O    1 
HETATM 651 O O    . HOH C 3 .  ? -9.467  7.928  -0.859  1.00 40.77 ? 40 HOH A O    1 
HETATM 652 O O    . HOH C 3 .  ? -14.495 3.418  -3.106  1.00 42.28 ? 41 HOH A O    1 
HETATM 653 O O    . HOH C 3 .  ? 11.707  6.987  1.875   1.00 52.44 ? 42 HOH A O    1 
HETATM 654 O O    . HOH C 3 .  ? -18.324 -2.387 1.378   1.00 57.07 ? 43 HOH A O    1 
HETATM 655 O O    . HOH C 3 .  ? 1.397   5.732  -0.466  1.00 55.73 ? 44 HOH A O    1 
HETATM 656 O O    . HOH C 3 .  ? -16.547 -6.347 -4.625  1.00 52.52 ? 45 HOH A O    1 
HETATM 657 O O    . HOH C 3 .  ? -2.248  -8.948 -1.493  1.00 47.26 ? 46 HOH A O    1 
HETATM 658 O O    . HOH C 3 .  ? -9.083  -3.495 4.236   1.00 58.41 ? 47 HOH A O    1 
HETATM 659 O O    . HOH C 3 .  ? -7.711  -4.909 2.877   1.00 49.49 ? 48 HOH A O    1 
HETATM 660 O O    . HOH C 3 .  ? -26.595 -0.144 -3.303  1.00 78.33 ? 49 HOH A O    1 
HETATM 661 O O    . HOH C 3 .  ? -2.862  -3.160 3.307   1.00 40.28 ? 50 HOH A O    1 
HETATM 662 O O    . HOH C 3 .  ? 6.576   0.877  -6.143  1.00 49.02 ? 51 HOH A O    1 
HETATM 663 O O    . HOH C 3 .  ? 19.442  9.278  6.814   1.00 74.61 ? 52 HOH A O    1 
HETATM 664 O O    . HOH C 3 .  ? 13.057  7.404  4.793   1.00 67.17 ? 53 HOH A O    1 
HETATM 665 O O    . HOH C 3 .  ? -11.638 6.993  1.432   0.50 31.71 ? 54 HOH A O    1 
HETATM 666 O O    . HOH C 3 .  ? 17.289  4.381  9.021   1.00 48.06 ? 55 HOH A O    1 
HETATM 667 O O    . HOH C 3 .  ? -14.108 -3.050 2.861   1.00 55.30 ? 56 HOH A O    1 
# 
loop_
_pdbx_poly_seq_scheme.asym_id 
_pdbx_poly_seq_scheme.entity_id 
_pdbx_poly_seq_scheme.seq_id 
_pdbx_poly_seq_scheme.mon_id 
_pdbx_poly_seq_scheme.ndb_seq_num 
_pdbx_poly_seq_scheme.pdb_seq_num 
_pdbx_poly_seq_scheme.auth_seq_num 
_pdbx_poly_seq_scheme.pdb_mon_id 
_pdbx_poly_seq_scheme.auth_mon_id 
_pdbx_poly_seq_scheme.pdb_strand_id 
_pdbx_poly_seq_scheme.pdb_ins_code 
_pdbx_poly_seq_scheme.hetero 
A 1 1  ACE 1  0  ?  ?   ?   A . n 
A 1 2  ARG 2  1  ?  ?   ?   A . n 
A 1 3  MET 3  2  ?  ?   ?   A . n 
A 1 4  XPC 4  3  ?  ?   ?   A . n 
A 1 5  GLN 5  4  4  GLN GLN A . n 
A 1 6  BIL 6  5  5  BIL BIL A . n 
A 1 7  GLU 7  6  6  GLU GLU A . n 
A 1 8  XCP 8  7  7  XCP XCP A . n 
A 1 9  LYS 9  8  8  LYS LYS A . n 
A 1 10 LEU 10 9  9  LEU LEU A . n 
A 1 11 XCP 11 10 10 XCP XCP A . n 
A 1 12 GLU 12 11 11 GLU GLU A . n 
A 1 13 BIL 13 12 12 BIL BIL A . n 
A 1 14 LEU 14 13 13 LEU LEU A . n 
A 1 15 XCP 15 14 14 XCP XCP A . n 
A 1 16 LYS 16 15 15 LYS LYS A . n 
A 1 17 LEU 17 16 16 LEU LEU A . n 
A 1 18 B3Y 18 17 17 B3Y B3Y A . n 
A 1 19 HIS 19 18 18 HIS HIS A . n 
A 1 20 BIL 20 19 19 BIL BIL A . n 
A 1 21 GLU 21 20 20 GLU GLU A . n 
A 1 22 XCP 22 21 21 XCP XCP A . n 
A 1 23 GLU 23 22 22 GLU GLU A . n 
A 1 24 LEU 24 23 23 LEU LEU A . n 
A 1 25 XCP 25 24 24 XCP XCP A . n 
A 1 26 ARG 26 25 25 ARG ARG A . n 
A 1 27 BIL 27 26 26 BIL BIL A . n 
A 1 28 LYS 28 27 27 LYS LYS A . n 
A 1 29 XPC 29 28 28 XPC XPC A . n 
A 1 30 LEU 30 29 29 LEU LEU A . n 
A 1 31 LEU 31 30 30 LEU LEU A . n 
A 1 32 XCP 32 31 31 XCP XCP A . n 
A 1 33 GLU 33 32 32 GLU GLU A . n 
A 1 34 XPC 34 33 33 XPC XPC A . n 
# 
loop_
_pdbx_nonpoly_scheme.asym_id 
_pdbx_nonpoly_scheme.entity_id 
_pdbx_nonpoly_scheme.mon_id 
_pdbx_nonpoly_scheme.ndb_seq_num 
_pdbx_nonpoly_scheme.pdb_seq_num 
_pdbx_nonpoly_scheme.auth_seq_num 
_pdbx_nonpoly_scheme.pdb_mon_id 
_pdbx_nonpoly_scheme.auth_mon_id 
_pdbx_nonpoly_scheme.pdb_strand_id 
_pdbx_nonpoly_scheme.pdb_ins_code 
B 2 16A 1  34 1  16A 16A A . 
C 3 HOH 1  35 1  HOH HOH A . 
C 3 HOH 2  36 2  HOH HOH A . 
C 3 HOH 3  37 3  HOH HOH A . 
C 3 HOH 4  38 4  HOH HOH A . 
C 3 HOH 5  39 5  HOH HOH A . 
C 3 HOH 6  40 6  HOH HOH A . 
C 3 HOH 7  41 7  HOH HOH A . 
C 3 HOH 8  42 8  HOH HOH A . 
C 3 HOH 9  43 9  HOH HOH A . 
C 3 HOH 10 44 10 HOH HOH A . 
C 3 HOH 11 45 11 HOH HOH A . 
C 3 HOH 12 46 12 HOH HOH A . 
C 3 HOH 13 47 13 HOH HOH A . 
C 3 HOH 14 48 14 HOH HOH A . 
C 3 HOH 15 49 15 HOH HOH A . 
C 3 HOH 16 50 16 HOH HOH A . 
C 3 HOH 17 51 17 HOH HOH A . 
C 3 HOH 18 52 18 HOH HOH A . 
C 3 HOH 19 53 19 HOH HOH A . 
C 3 HOH 20 54 20 HOH HOH A . 
C 3 HOH 21 55 21 HOH HOH A . 
C 3 HOH 22 56 22 HOH HOH A . 
# 
_pdbx_struct_mod_residue.id               1 
_pdbx_struct_mod_residue.label_asym_id    A 
_pdbx_struct_mod_residue.label_comp_id    B3Y 
_pdbx_struct_mod_residue.label_seq_id     18 
_pdbx_struct_mod_residue.auth_asym_id     A 
_pdbx_struct_mod_residue.auth_comp_id     B3Y 
_pdbx_struct_mod_residue.auth_seq_id      17 
_pdbx_struct_mod_residue.PDB_ins_code     ? 
_pdbx_struct_mod_residue.parent_comp_id   TYR 
_pdbx_struct_mod_residue.details          ? 
# 
_pdbx_struct_assembly.id                   1 
_pdbx_struct_assembly.details              author_and_software_defined_assembly 
_pdbx_struct_assembly.method_details       PISA 
_pdbx_struct_assembly.oligomeric_details   monomeric 
_pdbx_struct_assembly.oligomeric_count     1 
# 
_pdbx_struct_assembly_gen.assembly_id       1 
_pdbx_struct_assembly_gen.oper_expression   1 
_pdbx_struct_assembly_gen.asym_id_list      A,B,C 
# 
_pdbx_struct_oper_list.id                   1 
_pdbx_struct_oper_list.type                 'identity operation' 
_pdbx_struct_oper_list.name                 1_555 
_pdbx_struct_oper_list.symmetry_operation   x,y,z 
_pdbx_struct_oper_list.matrix[1][1]         1.0000000000 
_pdbx_struct_oper_list.matrix[1][2]         0.0000000000 
_pdbx_struct_oper_list.matrix[1][3]         0.0000000000 
_pdbx_struct_oper_list.vector[1]            0.0000000000 
_pdbx_struct_oper_list.matrix[2][1]         0.0000000000 
_pdbx_struct_oper_list.matrix[2][2]         1.0000000000 
_pdbx_struct_oper_list.matrix[2][3]         0.0000000000 
_pdbx_struct_oper_list.vector[2]            0.0000000000 
_pdbx_struct_oper_list.matrix[3][1]         0.0000000000 
_pdbx_struct_oper_list.matrix[3][2]         0.0000000000 
_pdbx_struct_oper_list.matrix[3][3]         1.0000000000 
_pdbx_struct_oper_list.vector[3]            0.0000000000 
# 
_pdbx_struct_special_symmetry.id              1 
_pdbx_struct_special_symmetry.PDB_model_num   1 
_pdbx_struct_special_symmetry.auth_asym_id    A 
_pdbx_struct_special_symmetry.auth_comp_id    GLU 
_pdbx_struct_special_symmetry.auth_seq_id     6 
_pdbx_struct_special_symmetry.PDB_ins_code    ? 
_pdbx_struct_special_symmetry.label_asym_id   A 
_pdbx_struct_special_symmetry.label_comp_id   GLU 
_pdbx_struct_special_symmetry.label_seq_id    7 
# 
loop_
_pdbx_audit_revision_history.ordinal 
_pdbx_audit_revision_history.data_content_type 
_pdbx_audit_revision_history.major_revision 
_pdbx_audit_revision_history.minor_revision 
_pdbx_audit_revision_history.revision_date 
1 'Structure model' 1 0 2009-05-19 
2 'Structure model' 1 1 2011-07-13 
3 'Structure model' 1 2 2023-09-06 
4 'Structure model' 2 0 2023-11-15 
# 
_pdbx_audit_revision_details.ordinal             1 
_pdbx_audit_revision_details.revision_ordinal    1 
_pdbx_audit_revision_details.data_content_type   'Structure model' 
_pdbx_audit_revision_details.provider            repository 
_pdbx_audit_revision_details.type                'Initial release' 
_pdbx_audit_revision_details.description         ? 
_pdbx_audit_revision_details.details             ? 
# 
loop_
_pdbx_audit_revision_group.ordinal 
_pdbx_audit_revision_group.revision_ordinal 
_pdbx_audit_revision_group.data_content_type 
_pdbx_audit_revision_group.group 
1 2 'Structure model' 'Version format compliance' 
2 3 'Structure model' 'Data collection'           
3 3 'Structure model' 'Database references'       
4 3 'Structure model' 'Derived calculations'      
5 3 'Structure model' 'Refinement description'    
6 4 'Structure model' 'Atomic model'              
7 4 'Structure model' 'Data collection'           
# 
loop_
_pdbx_audit_revision_category.ordinal 
_pdbx_audit_revision_category.revision_ordinal 
_pdbx_audit_revision_category.data_content_type 
_pdbx_audit_revision_category.category 
1  3 'Structure model' chem_comp_atom                 
2  3 'Structure model' chem_comp_bond                 
3  3 'Structure model' database_2                     
4  3 'Structure model' pdbx_initial_refinement_model  
5  3 'Structure model' pdbx_struct_special_symmetry   
6  3 'Structure model' struct_conn                    
7  3 'Structure model' struct_site                    
8  4 'Structure model' atom_site                      
9  4 'Structure model' chem_comp_atom                 
10 4 'Structure model' chem_comp_bond                 
11 4 'Structure model' pdbx_validate_main_chain_plane 
12 4 'Structure model' pdbx_validate_peptide_omega    
13 4 'Structure model' pdbx_validate_torsion          
# 
loop_
_pdbx_audit_revision_item.ordinal 
_pdbx_audit_revision_item.revision_ordinal 
_pdbx_audit_revision_item.data_content_type 
_pdbx_audit_revision_item.item 
1  3 'Structure model' '_database_2.pdbx_DOI'                        
2  3 'Structure model' '_database_2.pdbx_database_accession'         
3  3 'Structure model' '_struct_conn.pdbx_leaving_atom_flag'         
4  3 'Structure model' '_struct_site.pdbx_auth_asym_id'              
5  3 'Structure model' '_struct_site.pdbx_auth_comp_id'              
6  3 'Structure model' '_struct_site.pdbx_auth_seq_id'               
7  4 'Structure model' '_atom_site.auth_atom_id'                     
8  4 'Structure model' '_atom_site.label_atom_id'                    
9  4 'Structure model' '_chem_comp_atom.atom_id'                     
10 4 'Structure model' '_chem_comp_bond.atom_id_1'                   
11 4 'Structure model' '_chem_comp_bond.atom_id_2'                   
12 4 'Structure model' '_pdbx_validate_peptide_omega.auth_comp_id_1' 
13 4 'Structure model' '_pdbx_validate_peptide_omega.auth_comp_id_2' 
14 4 'Structure model' '_pdbx_validate_peptide_omega.auth_seq_id_1'  
15 4 'Structure model' '_pdbx_validate_peptide_omega.auth_seq_id_2'  
16 4 'Structure model' '_pdbx_validate_peptide_omega.omega'          
# 
loop_
_software.name 
_software.classification 
_software.version 
_software.citation_id 
_software.pdbx_ordinal 
'PROTEUM PLUS' 'data collection' PLUS     ? 1 
PHASER         phasing           .        ? 2 
REFMAC         refinement        5.4.0062 ? 3 
'PROTEUM PLUS' 'data reduction'  PLUS     ? 4 
'PROTEUM PLUS' 'data scaling'    PLUS     ? 5 
# 
loop_
_pdbx_validate_rmsd_angle.id 
_pdbx_validate_rmsd_angle.PDB_model_num 
_pdbx_validate_rmsd_angle.auth_atom_id_1 
_pdbx_validate_rmsd_angle.auth_asym_id_1 
_pdbx_validate_rmsd_angle.auth_comp_id_1 
_pdbx_validate_rmsd_angle.auth_seq_id_1 
_pdbx_validate_rmsd_angle.PDB_ins_code_1 
_pdbx_validate_rmsd_angle.label_alt_id_1 
_pdbx_validate_rmsd_angle.auth_atom_id_2 
_pdbx_validate_rmsd_angle.auth_asym_id_2 
_pdbx_validate_rmsd_angle.auth_comp_id_2 
_pdbx_validate_rmsd_angle.auth_seq_id_2 
_pdbx_validate_rmsd_angle.PDB_ins_code_2 
_pdbx_validate_rmsd_angle.label_alt_id_2 
_pdbx_validate_rmsd_angle.auth_atom_id_3 
_pdbx_validate_rmsd_angle.auth_asym_id_3 
_pdbx_validate_rmsd_angle.auth_comp_id_3 
_pdbx_validate_rmsd_angle.auth_seq_id_3 
_pdbx_validate_rmsd_angle.PDB_ins_code_3 
_pdbx_validate_rmsd_angle.label_alt_id_3 
_pdbx_validate_rmsd_angle.angle_value 
_pdbx_validate_rmsd_angle.angle_target_value 
_pdbx_validate_rmsd_angle.angle_deviation 
_pdbx_validate_rmsd_angle.angle_standard_deviation 
_pdbx_validate_rmsd_angle.linker_flag 
1 1 C A GLN 4  ? A N A BIL 5  ? A CA A BIL 5  ? A 138.99 121.70 17.29 2.50 Y 
2 1 C A GLN 4  ? B N A BIL 5  ? B CA A BIL 5  ? B 140.79 121.70 19.09 2.50 Y 
3 1 C A LEU 23 ? ? N A XCP 24 ? ? CA A XCP 24 ? ? 139.63 121.70 17.93 2.50 Y 
4 1 C A LEU 30 ? ? N A XCP 31 ? ? CA A XCP 31 ? ? 155.00 121.70 33.30 2.50 Y 
5 1 C A GLU 32 ? ? N A XPC 33 ? ? CA A XPC 33 ? ? 148.39 121.70 26.69 2.50 Y 
# 
loop_
_pdbx_validate_torsion.id 
_pdbx_validate_torsion.PDB_model_num 
_pdbx_validate_torsion.auth_comp_id 
_pdbx_validate_torsion.auth_asym_id 
_pdbx_validate_torsion.auth_seq_id 
_pdbx_validate_torsion.PDB_ins_code 
_pdbx_validate_torsion.label_alt_id 
_pdbx_validate_torsion.phi 
_pdbx_validate_torsion.psi 
1 1 BIL A 5  ? A -41.72 -90.02 
2 1 BIL A 5  ? B 44.19  92.80  
3 1 BIL A 12 ? ? -21.86 -87.73 
4 1 BIL A 19 ? ? -20.13 -86.68 
5 1 BIL A 26 ? ? -22.68 -89.68 
# 
loop_
_pdbx_validate_peptide_omega.id 
_pdbx_validate_peptide_omega.PDB_model_num 
_pdbx_validate_peptide_omega.auth_comp_id_1 
_pdbx_validate_peptide_omega.auth_asym_id_1 
_pdbx_validate_peptide_omega.auth_seq_id_1 
_pdbx_validate_peptide_omega.PDB_ins_code_1 
_pdbx_validate_peptide_omega.label_alt_id_1 
_pdbx_validate_peptide_omega.auth_comp_id_2 
_pdbx_validate_peptide_omega.auth_asym_id_2 
_pdbx_validate_peptide_omega.auth_seq_id_2 
_pdbx_validate_peptide_omega.PDB_ins_code_2 
_pdbx_validate_peptide_omega.label_alt_id_2 
_pdbx_validate_peptide_omega.omega 
1  1 GLN A 4  ? A BIL A 5  ? A 140.41  
2  1 GLN A 4  ? B BIL A 5  ? B -137.48 
3  1 GLU A 6  ? A XCP A 7  ? ? 136.27  
4  1 GLU A 6  ? B XCP A 7  ? ? 136.34  
5  1 LEU A 9  ? ? XCP A 10 ? ? 136.60  
6  1 GLU A 11 ? A BIL A 12 ? ? 136.43  
7  1 GLU A 11 ? B BIL A 12 ? ? 136.43  
8  1 LEU A 13 ? ? XCP A 14 ? ? 138.69  
9  1 B3Y A 17 ? ? HIS A 18 ? ? 143.04  
10 1 HIS A 18 ? ? BIL A 19 ? ? 135.56  
11 1 GLU A 20 ? ? XCP A 21 ? ? 142.15  
12 1 LEU A 23 ? ? XCP A 24 ? ? 137.03  
13 1 ARG A 25 ? ? BIL A 26 ? ? 136.23  
14 1 LYS A 27 ? ? XPC A 28 ? ? 141.38  
# 
_pdbx_validate_main_chain_plane.id                       1 
_pdbx_validate_main_chain_plane.PDB_model_num            1 
_pdbx_validate_main_chain_plane.auth_comp_id             B3Y 
_pdbx_validate_main_chain_plane.auth_asym_id             A 
_pdbx_validate_main_chain_plane.auth_seq_id              17 
_pdbx_validate_main_chain_plane.PDB_ins_code             ? 
_pdbx_validate_main_chain_plane.label_alt_id             ? 
_pdbx_validate_main_chain_plane.improper_torsion_angle   -18.43 
# 
loop_
_pdbx_unobs_or_zero_occ_atoms.id 
_pdbx_unobs_or_zero_occ_atoms.PDB_model_num 
_pdbx_unobs_or_zero_occ_atoms.polymer_flag 
_pdbx_unobs_or_zero_occ_atoms.occupancy_flag 
_pdbx_unobs_or_zero_occ_atoms.auth_asym_id 
_pdbx_unobs_or_zero_occ_atoms.auth_comp_id 
_pdbx_unobs_or_zero_occ_atoms.auth_seq_id 
_pdbx_unobs_or_zero_occ_atoms.PDB_ins_code 
_pdbx_unobs_or_zero_occ_atoms.auth_atom_id 
_pdbx_unobs_or_zero_occ_atoms.label_alt_id 
_pdbx_unobs_or_zero_occ_atoms.label_asym_id 
_pdbx_unobs_or_zero_occ_atoms.label_comp_id 
_pdbx_unobs_or_zero_occ_atoms.label_seq_id 
_pdbx_unobs_or_zero_occ_atoms.label_atom_id 
1 1 Y 1 A BIL 5  ? CD2 ? A BIL 6  CD2 
2 1 Y 1 A BIL 5  ? CD1 ? A BIL 6  CD1 
3 1 Y 1 A BIL 5  ? CE1 ? A BIL 6  CE1 
4 1 Y 1 A LYS 27 ? CD  ? A LYS 28 CD  
5 1 Y 1 A LYS 27 ? CE  ? A LYS 28 CE  
6 1 Y 1 A LYS 27 ? NZ  ? A LYS 28 NZ  
# 
loop_
_pdbx_unobs_or_zero_occ_residues.id 
_pdbx_unobs_or_zero_occ_residues.PDB_model_num 
_pdbx_unobs_or_zero_occ_residues.polymer_flag 
_pdbx_unobs_or_zero_occ_residues.occupancy_flag 
_pdbx_unobs_or_zero_occ_residues.auth_asym_id 
_pdbx_unobs_or_zero_occ_residues.auth_comp_id 
_pdbx_unobs_or_zero_occ_residues.auth_seq_id 
_pdbx_unobs_or_zero_occ_residues.PDB_ins_code 
_pdbx_unobs_or_zero_occ_residues.label_asym_id 
_pdbx_unobs_or_zero_occ_residues.label_comp_id 
_pdbx_unobs_or_zero_occ_residues.label_seq_id 
1 1 Y 1 A ACE 0 ? A ACE 1 
2 1 Y 1 A ARG 1 ? A ARG 2 
3 1 Y 1 A MET 2 ? A MET 3 
4 1 Y 1 A XPC 3 ? A XPC 4 
# 
loop_
_chem_comp_atom.comp_id 
_chem_comp_atom.atom_id 
_chem_comp_atom.type_symbol 
_chem_comp_atom.pdbx_aromatic_flag 
_chem_comp_atom.pdbx_stereo_config 
_chem_comp_atom.pdbx_ordinal 
16A C1   C N N 1   
16A C2   C N N 2   
16A C3   C N N 3   
16A C4   C N N 4   
16A C5   C N N 5   
16A C6   C N N 6   
16A C7   C N N 7   
16A C8   C N N 8   
16A C9   C N N 9   
16A C10  C N N 10  
16A C11  C N N 11  
16A C12  C N N 12  
16A C13  C N N 13  
16A C14  C N N 14  
16A C15  C N N 15  
16A C16  C N N 16  
16A N1   N N N 17  
16A C17  C N N 18  
16A C18  C N N 19  
16A C19  C N N 20  
16A H11  H N N 21  
16A H12  H N N 22  
16A H13  H N N 23  
16A H21  H N N 24  
16A H22  H N N 25  
16A H31  H N N 26  
16A H32  H N N 27  
16A H41  H N N 28  
16A H42  H N N 29  
16A H51  H N N 30  
16A H52  H N N 31  
16A H61  H N N 32  
16A H62  H N N 33  
16A H71  H N N 34  
16A H72  H N N 35  
16A H81  H N N 36  
16A H82  H N N 37  
16A H91  H N N 38  
16A H92  H N N 39  
16A H101 H N N 40  
16A H102 H N N 41  
16A H111 H N N 42  
16A H112 H N N 43  
16A H121 H N N 44  
16A H122 H N N 45  
16A H131 H N N 46  
16A H132 H N N 47  
16A H141 H N N 48  
16A H142 H N N 49  
16A H151 H N N 50  
16A H152 H N N 51  
16A H161 H N N 52  
16A H162 H N N 53  
16A H171 H N N 54  
16A H172 H N N 55  
16A H173 H N N 56  
16A H181 H N N 57  
16A H182 H N N 58  
16A H183 H N N 59  
16A H191 H N N 60  
16A H192 H N N 61  
16A H193 H N N 62  
ACE C    C N N 63  
ACE O    O N N 64  
ACE CH3  C N N 65  
ACE H    H N N 66  
ACE H1   H N N 67  
ACE H2   H N N 68  
ACE H3   H N N 69  
ARG N    N N N 70  
ARG CA   C N S 71  
ARG C    C N N 72  
ARG O    O N N 73  
ARG CB   C N N 74  
ARG CG   C N N 75  
ARG CD   C N N 76  
ARG NE   N N N 77  
ARG CZ   C N N 78  
ARG NH1  N N N 79  
ARG NH2  N N N 80  
ARG OXT  O N N 81  
ARG H    H N N 82  
ARG H2   H N N 83  
ARG HA   H N N 84  
ARG HB2  H N N 85  
ARG HB3  H N N 86  
ARG HG2  H N N 87  
ARG HG3  H N N 88  
ARG HD2  H N N 89  
ARG HD3  H N N 90  
ARG HE   H N N 91  
ARG HH11 H N N 92  
ARG HH12 H N N 93  
ARG HH21 H N N 94  
ARG HH22 H N N 95  
ARG HXT  H N N 96  
B3Y O    O N N 97  
B3Y C    C N N 98  
B3Y CB   C N N 99  
B3Y CA   C N S 100 
B3Y N    N N N 101 
B3Y CG   C N N 102 
B3Y CD   C Y N 103 
B3Y CE2  C Y N 104 
B3Y CF2  C Y N 105 
B3Y CZ   C Y N 106 
B3Y OH   O N N 107 
B3Y CF1  C Y N 108 
B3Y CE1  C Y N 109 
B3Y OXT  O N N 110 
B3Y HXT  H N N 111 
B3Y HB1  H N N 112 
B3Y HB2  H N N 113 
B3Y HA   H N N 114 
B3Y H    H N N 115 
B3Y H2   H N N 116 
B3Y HG2  H N N 117 
B3Y HG3  H N N 118 
B3Y HE2  H N N 119 
B3Y HF2  H N N 120 
B3Y HOH  H N N 121 
B3Y HF1  H N N 122 
B3Y HE1  H N N 123 
BIL C    C N N 124 
BIL O    O N N 125 
BIL CA   C N N 126 
BIL CB   C N R 127 
BIL N    N N N 128 
BIL CG   C N S 129 
BIL CD2  C N N 130 
BIL CD1  C N N 131 
BIL CE1  C N N 132 
BIL HA   H N N 133 
BIL HAA  H N N 134 
BIL HB   H N N 135 
BIL H    H N N 136 
BIL HG   H N N 137 
BIL H3D2 H N N 138 
BIL H2D2 H N N 139 
BIL H1D2 H N N 140 
BIL H1D1 H N N 141 
BIL H2D1 H N N 142 
BIL H3E1 H N N 143 
BIL H2E1 H N N 144 
BIL H1E1 H N N 145 
BIL OXT  O N N 146 
BIL H2   H N N 147 
BIL HXT  H N N 148 
GLN N    N N N 149 
GLN CA   C N S 150 
GLN C    C N N 151 
GLN O    O N N 152 
GLN CB   C N N 153 
GLN CG   C N N 154 
GLN CD   C N N 155 
GLN OE1  O N N 156 
GLN NE2  N N N 157 
GLN OXT  O N N 158 
GLN H    H N N 159 
GLN H2   H N N 160 
GLN HA   H N N 161 
GLN HB2  H N N 162 
GLN HB3  H N N 163 
GLN HG2  H N N 164 
GLN HG3  H N N 165 
GLN HE21 H N N 166 
GLN HE22 H N N 167 
GLN HXT  H N N 168 
GLU N    N N N 169 
GLU CA   C N S 170 
GLU C    C N N 171 
GLU O    O N N 172 
GLU CB   C N N 173 
GLU CG   C N N 174 
GLU CD   C N N 175 
GLU OE1  O N N 176 
GLU OE2  O N N 177 
GLU OXT  O N N 178 
GLU H    H N N 179 
GLU H2   H N N 180 
GLU HA   H N N 181 
GLU HB2  H N N 182 
GLU HB3  H N N 183 
GLU HG2  H N N 184 
GLU HG3  H N N 185 
GLU HE2  H N N 186 
GLU HXT  H N N 187 
HIS N    N N N 188 
HIS CA   C N S 189 
HIS C    C N N 190 
HIS O    O N N 191 
HIS CB   C N N 192 
HIS CG   C Y N 193 
HIS ND1  N Y N 194 
HIS CD2  C Y N 195 
HIS CE1  C Y N 196 
HIS NE2  N Y N 197 
HIS OXT  O N N 198 
HIS H    H N N 199 
HIS H2   H N N 200 
HIS HA   H N N 201 
HIS HB2  H N N 202 
HIS HB3  H N N 203 
HIS HD1  H N N 204 
HIS HD2  H N N 205 
HIS HE1  H N N 206 
HIS HE2  H N N 207 
HIS HXT  H N N 208 
HOH O    O N N 209 
HOH H1   H N N 210 
HOH H2   H N N 211 
LEU N    N N N 212 
LEU CA   C N S 213 
LEU C    C N N 214 
LEU O    O N N 215 
LEU CB   C N N 216 
LEU CG   C N N 217 
LEU CD1  C N N 218 
LEU CD2  C N N 219 
LEU OXT  O N N 220 
LEU H    H N N 221 
LEU H2   H N N 222 
LEU HA   H N N 223 
LEU HB2  H N N 224 
LEU HB3  H N N 225 
LEU HG   H N N 226 
LEU HD11 H N N 227 
LEU HD12 H N N 228 
LEU HD13 H N N 229 
LEU HD21 H N N 230 
LEU HD22 H N N 231 
LEU HD23 H N N 232 
LEU HXT  H N N 233 
LYS N    N N N 234 
LYS CA   C N S 235 
LYS C    C N N 236 
LYS O    O N N 237 
LYS CB   C N N 238 
LYS CG   C N N 239 
LYS CD   C N N 240 
LYS CE   C N N 241 
LYS NZ   N N N 242 
LYS OXT  O N N 243 
LYS H    H N N 244 
LYS H2   H N N 245 
LYS HA   H N N 246 
LYS HB2  H N N 247 
LYS HB3  H N N 248 
LYS HG2  H N N 249 
LYS HG3  H N N 250 
LYS HD2  H N N 251 
LYS HD3  H N N 252 
LYS HE2  H N N 253 
LYS HE3  H N N 254 
LYS HZ1  H N N 255 
LYS HZ2  H N N 256 
LYS HZ3  H N N 257 
LYS HXT  H N N 258 
MET N    N N N 259 
MET CA   C N S 260 
MET C    C N N 261 
MET O    O N N 262 
MET CB   C N N 263 
MET CG   C N N 264 
MET SD   S N N 265 
MET CE   C N N 266 
MET OXT  O N N 267 
MET H    H N N 268 
MET H2   H N N 269 
MET HA   H N N 270 
MET HB2  H N N 271 
MET HB3  H N N 272 
MET HG2  H N N 273 
MET HG3  H N N 274 
MET HE1  H N N 275 
MET HE2  H N N 276 
MET HE3  H N N 277 
MET HXT  H N N 278 
XCP N    N N N 279 
XCP CB   C N S 280 
XCP CG   C N N 281 
XCP CD   C N N 282 
XCP CE   C N N 283 
XCP CA   C N S 284 
XCP C    C N N 285 
XCP O    O N N 286 
XCP H    H N N 287 
XCP HB   H N N 288 
XCP HG   H N N 289 
XCP HGA  H N N 290 
XCP HD   H N N 291 
XCP HDA  H N N 292 
XCP HE   H N N 293 
XCP HEA  H N N 294 
XCP HA   H N N 295 
XCP H2   H N N 296 
XCP OXT  O N N 297 
XCP HXT  H N N 298 
XPC N    N N N 299 
XPC CB   C N R 300 
XPC CG   C N N 301 
XPC ND   N N N 302 
XPC CE   C N N 303 
XPC CA   C N S 304 
XPC C    C N N 305 
XPC O    O N N 306 
XPC H    H N N 307 
XPC HB   H N N 308 
XPC HG   H N N 309 
XPC HGA  H N N 310 
XPC HND  H N N 311 
XPC HE   H N N 312 
XPC HEA  H N N 313 
XPC HA   H N N 314 
XPC H2   H N N 315 
XPC OXT  O N N 316 
XPC HXT  H N N 317 
# 
loop_
_chem_comp_bond.comp_id 
_chem_comp_bond.atom_id_1 
_chem_comp_bond.atom_id_2 
_chem_comp_bond.value_order 
_chem_comp_bond.pdbx_aromatic_flag 
_chem_comp_bond.pdbx_stereo_config 
_chem_comp_bond.pdbx_ordinal 
16A C1   C2   sing N N 1   
16A C1   H11  sing N N 2   
16A C1   H12  sing N N 3   
16A C1   H13  sing N N 4   
16A C2   C3   sing N N 5   
16A C2   H21  sing N N 6   
16A C2   H22  sing N N 7   
16A C3   C4   sing N N 8   
16A C3   H31  sing N N 9   
16A C3   H32  sing N N 10  
16A C4   C5   sing N N 11  
16A C4   H41  sing N N 12  
16A C4   H42  sing N N 13  
16A C5   C6   sing N N 14  
16A C5   H51  sing N N 15  
16A C5   H52  sing N N 16  
16A C6   C7   sing N N 17  
16A C6   H61  sing N N 18  
16A C6   H62  sing N N 19  
16A C7   C8   sing N N 20  
16A C7   H71  sing N N 21  
16A C7   H72  sing N N 22  
16A C8   C9   sing N N 23  
16A C8   H81  sing N N 24  
16A C8   H82  sing N N 25  
16A C9   C10  sing N N 26  
16A C9   H91  sing N N 27  
16A C9   H92  sing N N 28  
16A C10  C11  sing N N 29  
16A C10  H101 sing N N 30  
16A C10  H102 sing N N 31  
16A C11  C12  sing N N 32  
16A C11  H111 sing N N 33  
16A C11  H112 sing N N 34  
16A C12  C13  sing N N 35  
16A C12  H121 sing N N 36  
16A C12  H122 sing N N 37  
16A C13  C14  sing N N 38  
16A C13  H131 sing N N 39  
16A C13  H132 sing N N 40  
16A C14  C15  sing N N 41  
16A C14  H141 sing N N 42  
16A C14  H142 sing N N 43  
16A C15  C16  sing N N 44  
16A C15  H151 sing N N 45  
16A C15  H152 sing N N 46  
16A C16  N1   sing N N 47  
16A C16  H161 sing N N 48  
16A C16  H162 sing N N 49  
16A N1   C17  sing N N 50  
16A N1   C18  sing N N 51  
16A N1   C19  sing N N 52  
16A C17  H171 sing N N 53  
16A C17  H172 sing N N 54  
16A C17  H173 sing N N 55  
16A C18  H181 sing N N 56  
16A C18  H182 sing N N 57  
16A C18  H183 sing N N 58  
16A C19  H191 sing N N 59  
16A C19  H192 sing N N 60  
16A C19  H193 sing N N 61  
ACE C    O    doub N N 62  
ACE C    CH3  sing N N 63  
ACE C    H    sing N N 64  
ACE CH3  H1   sing N N 65  
ACE CH3  H2   sing N N 66  
ACE CH3  H3   sing N N 67  
ARG N    CA   sing N N 68  
ARG N    H    sing N N 69  
ARG N    H2   sing N N 70  
ARG CA   C    sing N N 71  
ARG CA   CB   sing N N 72  
ARG CA   HA   sing N N 73  
ARG C    O    doub N N 74  
ARG C    OXT  sing N N 75  
ARG CB   CG   sing N N 76  
ARG CB   HB2  sing N N 77  
ARG CB   HB3  sing N N 78  
ARG CG   CD   sing N N 79  
ARG CG   HG2  sing N N 80  
ARG CG   HG3  sing N N 81  
ARG CD   NE   sing N N 82  
ARG CD   HD2  sing N N 83  
ARG CD   HD3  sing N N 84  
ARG NE   CZ   sing N N 85  
ARG NE   HE   sing N N 86  
ARG CZ   NH1  sing N N 87  
ARG CZ   NH2  doub N N 88  
ARG NH1  HH11 sing N N 89  
ARG NH1  HH12 sing N N 90  
ARG NH2  HH21 sing N N 91  
ARG NH2  HH22 sing N N 92  
ARG OXT  HXT  sing N N 93  
B3Y O    C    doub N N 94  
B3Y C    CB   sing N N 95  
B3Y C    OXT  sing N N 96  
B3Y CB   CA   sing N N 97  
B3Y CB   HB1  sing N N 98  
B3Y CB   HB2  sing N N 99  
B3Y CA   CG   sing N N 100 
B3Y CA   N    sing N N 101 
B3Y CA   HA   sing N N 102 
B3Y N    H    sing N N 103 
B3Y N    H2   sing N N 104 
B3Y CG   CD   sing N N 105 
B3Y CG   HG2  sing N N 106 
B3Y CG   HG3  sing N N 107 
B3Y CD   CE2  doub Y N 108 
B3Y CD   CE1  sing Y N 109 
B3Y CE2  CF2  sing Y N 110 
B3Y CE2  HE2  sing N N 111 
B3Y CF2  CZ   doub Y N 112 
B3Y CF2  HF2  sing N N 113 
B3Y CZ   CF1  sing Y N 114 
B3Y CZ   OH   sing N N 115 
B3Y OH   HOH  sing N N 116 
B3Y CF1  CE1  doub Y N 117 
B3Y CF1  HF1  sing N N 118 
B3Y CE1  HE1  sing N N 119 
B3Y OXT  HXT  sing N N 120 
BIL C    O    doub N N 121 
BIL C    OXT  sing N N 122 
BIL CA   C    sing N N 123 
BIL CA   CB   sing N N 124 
BIL CA   HA   sing N N 125 
BIL CB   HB   sing N N 126 
BIL N    CB   sing N N 127 
BIL N    H2   sing N N 128 
BIL CG   CB   sing N N 129 
BIL CG   CD1  sing N N 130 
BIL CG   CD2  sing N N 131 
BIL CD2  H1D2 sing N N 132 
BIL CD2  H3D2 sing N N 133 
BIL CD1  CE1  sing N N 134 
BIL CE1  H2E1 sing N N 135 
BIL CE1  H3E1 sing N N 136 
BIL HAA  CA   sing N N 137 
BIL H    N    sing N N 138 
BIL HG   CG   sing N N 139 
BIL H2D2 CD2  sing N N 140 
BIL H1D1 CD1  sing N N 141 
BIL H2D1 CD1  sing N N 142 
BIL H1E1 CE1  sing N N 143 
BIL OXT  HXT  sing N N 144 
GLN N    CA   sing N N 145 
GLN N    H    sing N N 146 
GLN N    H2   sing N N 147 
GLN CA   C    sing N N 148 
GLN CA   CB   sing N N 149 
GLN CA   HA   sing N N 150 
GLN C    O    doub N N 151 
GLN C    OXT  sing N N 152 
GLN CB   CG   sing N N 153 
GLN CB   HB2  sing N N 154 
GLN CB   HB3  sing N N 155 
GLN CG   CD   sing N N 156 
GLN CG   HG2  sing N N 157 
GLN CG   HG3  sing N N 158 
GLN CD   OE1  doub N N 159 
GLN CD   NE2  sing N N 160 
GLN NE2  HE21 sing N N 161 
GLN NE2  HE22 sing N N 162 
GLN OXT  HXT  sing N N 163 
GLU N    CA   sing N N 164 
GLU N    H    sing N N 165 
GLU N    H2   sing N N 166 
GLU CA   C    sing N N 167 
GLU CA   CB   sing N N 168 
GLU CA   HA   sing N N 169 
GLU C    O    doub N N 170 
GLU C    OXT  sing N N 171 
GLU CB   CG   sing N N 172 
GLU CB   HB2  sing N N 173 
GLU CB   HB3  sing N N 174 
GLU CG   CD   sing N N 175 
GLU CG   HG2  sing N N 176 
GLU CG   HG3  sing N N 177 
GLU CD   OE1  doub N N 178 
GLU CD   OE2  sing N N 179 
GLU OE2  HE2  sing N N 180 
GLU OXT  HXT  sing N N 181 
HIS N    CA   sing N N 182 
HIS N    H    sing N N 183 
HIS N    H2   sing N N 184 
HIS CA   C    sing N N 185 
HIS CA   CB   sing N N 186 
HIS CA   HA   sing N N 187 
HIS C    O    doub N N 188 
HIS C    OXT  sing N N 189 
HIS CB   CG   sing N N 190 
HIS CB   HB2  sing N N 191 
HIS CB   HB3  sing N N 192 
HIS CG   ND1  sing Y N 193 
HIS CG   CD2  doub Y N 194 
HIS ND1  CE1  doub Y N 195 
HIS ND1  HD1  sing N N 196 
HIS CD2  NE2  sing Y N 197 
HIS CD2  HD2  sing N N 198 
HIS CE1  NE2  sing Y N 199 
HIS CE1  HE1  sing N N 200 
HIS NE2  HE2  sing N N 201 
HIS OXT  HXT  sing N N 202 
HOH O    H1   sing N N 203 
HOH O    H2   sing N N 204 
LEU N    CA   sing N N 205 
LEU N    H    sing N N 206 
LEU N    H2   sing N N 207 
LEU CA   C    sing N N 208 
LEU CA   CB   sing N N 209 
LEU CA   HA   sing N N 210 
LEU C    O    doub N N 211 
LEU C    OXT  sing N N 212 
LEU CB   CG   sing N N 213 
LEU CB   HB2  sing N N 214 
LEU CB   HB3  sing N N 215 
LEU CG   CD1  sing N N 216 
LEU CG   CD2  sing N N 217 
LEU CG   HG   sing N N 218 
LEU CD1  HD11 sing N N 219 
LEU CD1  HD12 sing N N 220 
LEU CD1  HD13 sing N N 221 
LEU CD2  HD21 sing N N 222 
LEU CD2  HD22 sing N N 223 
LEU CD2  HD23 sing N N 224 
LEU OXT  HXT  sing N N 225 
LYS N    CA   sing N N 226 
LYS N    H    sing N N 227 
LYS N    H2   sing N N 228 
LYS CA   C    sing N N 229 
LYS CA   CB   sing N N 230 
LYS CA   HA   sing N N 231 
LYS C    O    doub N N 232 
LYS C    OXT  sing N N 233 
LYS CB   CG   sing N N 234 
LYS CB   HB2  sing N N 235 
LYS CB   HB3  sing N N 236 
LYS CG   CD   sing N N 237 
LYS CG   HG2  sing N N 238 
LYS CG   HG3  sing N N 239 
LYS CD   CE   sing N N 240 
LYS CD   HD2  sing N N 241 
LYS CD   HD3  sing N N 242 
LYS CE   NZ   sing N N 243 
LYS CE   HE2  sing N N 244 
LYS CE   HE3  sing N N 245 
LYS NZ   HZ1  sing N N 246 
LYS NZ   HZ2  sing N N 247 
LYS NZ   HZ3  sing N N 248 
LYS OXT  HXT  sing N N 249 
MET N    CA   sing N N 250 
MET N    H    sing N N 251 
MET N    H2   sing N N 252 
MET CA   C    sing N N 253 
MET CA   CB   sing N N 254 
MET CA   HA   sing N N 255 
MET C    O    doub N N 256 
MET C    OXT  sing N N 257 
MET CB   CG   sing N N 258 
MET CB   HB2  sing N N 259 
MET CB   HB3  sing N N 260 
MET CG   SD   sing N N 261 
MET CG   HG2  sing N N 262 
MET CG   HG3  sing N N 263 
MET SD   CE   sing N N 264 
MET CE   HE1  sing N N 265 
MET CE   HE2  sing N N 266 
MET CE   HE3  sing N N 267 
MET OXT  HXT  sing N N 268 
XCP N    H    sing N N 269 
XCP N    H2   sing N N 270 
XCP CB   N    sing N N 271 
XCP CB   CG   sing N N 272 
XCP CG   HGA  sing N N 273 
XCP CD   CG   sing N N 274 
XCP CD   HD   sing N N 275 
XCP CE   CD   sing N N 276 
XCP CE   CA   sing N N 277 
XCP CE   HE   sing N N 278 
XCP CA   CB   sing N N 279 
XCP CA   HA   sing N N 280 
XCP C    CA   sing N N 281 
XCP C    OXT  sing N N 282 
XCP O    C    doub N N 283 
XCP HB   CB   sing N N 284 
XCP HG   CG   sing N N 285 
XCP HDA  CD   sing N N 286 
XCP HEA  CE   sing N N 287 
XCP OXT  HXT  sing N N 288 
XPC N    H    sing N N 289 
XPC N    H2   sing N N 290 
XPC CB   N    sing N N 291 
XPC CB   CG   sing N N 292 
XPC CG   HGA  sing N N 293 
XPC ND   CG   sing N N 294 
XPC ND   HND  sing N N 295 
XPC CE   ND   sing N N 296 
XPC CE   HE   sing N N 297 
XPC CE   CA   sing N N 298 
XPC CA   CB   sing N N 299 
XPC CA   HA   sing N N 300 
XPC C    CA   sing N N 301 
XPC C    OXT  sing N N 302 
XPC O    C    doub N N 303 
XPC HB   CB   sing N N 304 
XPC HG   CG   sing N N 305 
XPC HEA  CE   sing N N 306 
XPC OXT  HXT  sing N N 307 
# 
loop_
_pdbx_entity_nonpoly.entity_id 
_pdbx_entity_nonpoly.name 
_pdbx_entity_nonpoly.comp_id 
2 CETYL-TRIMETHYL-AMMONIUM 16A 
3 water                    HOH 
# 
_pdbx_initial_refinement_model.id               1 
_pdbx_initial_refinement_model.entity_id_list   ? 
_pdbx_initial_refinement_model.type             'experimental model' 
_pdbx_initial_refinement_model.source_name      PDB 
_pdbx_initial_refinement_model.accession_code   2OXK 
_pdbx_initial_refinement_model.details          'PDB ENTRY 2OXK' 
# 
